data_4JWU
#
_entry.id   4JWU
#
_cell.length_a   58.680
_cell.length_b   110.050
_cell.length_c   86.500
_cell.angle_alpha   90.00
_cell.angle_beta   109.51
_cell.angle_gamma   90.00
#
_symmetry.space_group_name_H-M   'P 1 21 1'
#
loop_
_entity.id
_entity.type
_entity.pdbx_description
1 polymer 'Camphor 5-monooxygenase'
2 polymer Putidaredoxin
3 non-polymer 'PROTOPORPHYRIN IX CONTAINING FE'
4 non-polymer 'CALCIUM ION'
5 non-polymer "1,1'-hexane-1,6-diyldipyrrolidine-2,5-dione"
6 non-polymer 'FE2/S2 (INORGANIC) CLUSTER'
7 water water
#
loop_
_entity_poly.entity_id
_entity_poly.type
_entity_poly.pdbx_seq_one_letter_code
_entity_poly.pdbx_strand_id
1 'polypeptide(L)'
;MTTETIQSNANLAPLPPHVPEHLVFDFDMYNPSNLSAGVQEAWAVLQESNVPDLVWTRSNGGHWIATRGQLIREAYEDYR
HFSSESPFIPREAGEAYDFIPTSMDPPEQRQFRALANQVVGMPVVDKLENRIQELASSLIESLRPQGQCNFTEDYAEPFP
IRIFMLLAGLPEEDIPHLKYLTDQMTRPDGSMTFAEAKEALYDYLIPIIEQRRQKPGTDAISIVANGQVNGRPITSDEAK
RMCGLLLVGGLDTVVNFLSFSMEFLAKSPEHRQELIERPERIPAASEELLRRFSLVADGRILTSDYEFHGVQLKKGDQIL
LPQMLSGLDERENAAPMHVDFSRQCVSHTTFGHGSHLCLGQHLARREIIVTLKEWLTRIPDFSIAPGAQIQHKSGIVSGV
QALPLVWDPATTKAV
;
A,B
2 'polypeptide(L)'
;HHHHHHMSKVVYVSHDGTRRELDVACGVSLMQAAVSNGIYDIVGDCGGSASCATCHVYVNEAFTDKVPAANEREIGMLES
VTAELKPNSRLCCQIIMTPELDGIVVDVPDRQW
;
C,D
#
loop_
_chem_comp.id
_chem_comp.type
_chem_comp.name
_chem_comp.formula
1N0 non-polymer 1,1'-hexane-1,6-diyldipyrrolidine-2,5-dione 'C14 H20 N2 O4'
CA non-polymer 'CALCIUM ION' 'Ca 2'
FES non-polymer 'FE2/S2 (INORGANIC) CLUSTER' 'Fe2 S2'
HEM non-polymer 'PROTOPORPHYRIN IX CONTAINING FE' 'C34 H32 Fe N4 O4'
#
# COMPACT_ATOMS: atom_id res chain seq x y z
N ASN A 11 -28.32 -13.42 -0.47
CA ASN A 11 -26.92 -13.57 -0.82
C ASN A 11 -26.25 -14.76 -0.14
N LEU A 12 -26.66 -15.95 -0.55
CA LEU A 12 -26.21 -17.21 0.04
C LEU A 12 -25.42 -18.08 -0.95
N ALA A 13 -24.51 -18.91 -0.44
CA ALA A 13 -23.72 -19.80 -1.30
C ALA A 13 -24.31 -21.21 -1.34
N PRO A 14 -23.96 -22.00 -2.38
CA PRO A 14 -24.49 -23.36 -2.45
C PRO A 14 -24.03 -24.21 -1.26
N LEU A 15 -24.88 -25.17 -0.87
CA LEU A 15 -24.62 -25.98 0.31
C LEU A 15 -23.73 -27.17 -0.03
N PRO A 16 -22.59 -27.25 0.67
CA PRO A 16 -21.58 -28.30 0.52
C PRO A 16 -22.14 -29.69 0.81
N PRO A 17 -21.96 -30.64 -0.13
CA PRO A 17 -22.34 -32.05 -0.04
C PRO A 17 -22.00 -32.72 1.30
N HIS A 18 -21.05 -32.15 2.05
CA HIS A 18 -20.69 -32.73 3.34
C HIS A 18 -21.46 -32.08 4.48
N VAL A 19 -22.32 -31.10 4.18
CA VAL A 19 -23.05 -30.39 5.22
C VAL A 19 -24.51 -30.80 5.28
N PRO A 20 -24.98 -31.19 6.47
CA PRO A 20 -26.40 -31.52 6.64
C PRO A 20 -27.21 -30.26 6.85
N GLU A 21 -28.44 -30.26 6.37
CA GLU A 21 -29.24 -29.04 6.36
C GLU A 21 -29.76 -28.69 7.74
N HIS A 22 -29.88 -29.69 8.61
CA HIS A 22 -30.45 -29.46 9.94
C HIS A 22 -29.49 -28.66 10.84
N LEU A 23 -28.27 -28.44 10.38
CA LEU A 23 -27.34 -27.58 11.12
C LEU A 23 -27.26 -26.21 10.47
N VAL A 24 -27.99 -26.03 9.36
CA VAL A 24 -27.95 -24.77 8.65
C VAL A 24 -28.76 -23.71 9.39
N PHE A 25 -28.22 -22.51 9.42
CA PHE A 25 -28.73 -21.45 10.24
C PHE A 25 -28.43 -20.13 9.54
N ASP A 26 -29.46 -19.31 9.35
CA ASP A 26 -29.30 -18.05 8.63
C ASP A 26 -28.72 -16.97 9.52
N PHE A 27 -27.44 -16.67 9.34
CA PHE A 27 -26.76 -15.62 10.10
C PHE A 27 -25.66 -14.98 9.27
N ASP A 28 -25.78 -13.68 9.06
CA ASP A 28 -24.77 -12.88 8.37
C ASP A 28 -24.11 -11.97 9.41
N MET A 29 -22.84 -12.22 9.72
CA MET A 29 -22.15 -11.45 10.75
C MET A 29 -21.97 -9.95 10.44
N TYR A 30 -22.30 -9.52 9.22
CA TYR A 30 -22.19 -8.10 8.89
C TYR A 30 -23.54 -7.44 8.96
N ASN A 31 -24.59 -8.27 8.99
CA ASN A 31 -25.93 -7.75 9.16
C ASN A 31 -26.84 -8.73 9.90
N PRO A 32 -26.70 -8.78 11.23
CA PRO A 32 -27.57 -9.61 12.07
C PRO A 32 -28.92 -8.93 12.27
N SER A 33 -29.97 -9.74 12.44
CA SER A 33 -31.35 -9.29 12.43
C SER A 33 -31.71 -8.18 13.42
N ASN A 34 -31.53 -8.48 14.69
CA ASN A 34 -31.98 -7.57 15.73
C ASN A 34 -30.82 -6.68 16.20
N LEU A 35 -30.13 -6.08 15.25
CA LEU A 35 -29.00 -5.22 15.56
C LEU A 35 -29.38 -3.93 16.27
N SER A 36 -30.55 -3.39 15.97
CA SER A 36 -31.02 -2.18 16.63
C SER A 36 -31.07 -2.27 18.18
N ALA A 37 -31.22 -3.48 18.72
CA ALA A 37 -31.24 -3.69 20.17
C ALA A 37 -29.84 -3.59 20.80
N GLY A 38 -28.81 -3.74 19.98
CA GLY A 38 -27.43 -3.78 20.45
C GLY A 38 -26.68 -4.93 19.77
N VAL A 39 -25.44 -4.70 19.35
CA VAL A 39 -24.76 -5.72 18.57
C VAL A 39 -24.51 -7.00 19.39
N GLN A 40 -24.23 -6.88 20.68
CA GLN A 40 -24.03 -8.08 21.52
C GLN A 40 -25.33 -8.89 21.61
N GLU A 41 -26.43 -8.20 21.87
CA GLU A 41 -27.76 -8.80 21.80
C GLU A 41 -28.03 -9.52 20.48
N ALA A 42 -27.68 -8.87 19.37
CA ALA A 42 -27.91 -9.41 18.03
C ALA A 42 -27.19 -10.73 17.83
N TRP A 43 -25.95 -10.83 18.31
CA TRP A 43 -25.22 -12.07 18.16
C TRP A 43 -25.75 -13.18 19.06
N ALA A 44 -26.14 -12.79 20.28
CA ALA A 44 -26.69 -13.73 21.27
C ALA A 44 -27.86 -14.57 20.75
N VAL A 45 -28.46 -14.18 19.63
CA VAL A 45 -29.46 -15.02 18.99
C VAL A 45 -28.89 -16.41 18.67
N LEU A 46 -27.58 -16.52 18.48
CA LEU A 46 -26.92 -17.80 18.22
C LEU A 46 -26.93 -18.69 19.47
N GLN A 47 -27.41 -18.14 20.58
CA GLN A 47 -27.29 -18.80 21.86
C GLN A 47 -28.65 -19.08 22.50
N GLU A 48 -29.71 -18.96 21.69
CA GLU A 48 -31.05 -19.34 22.11
C GLU A 48 -31.17 -20.85 22.26
N SER A 49 -32.17 -21.29 23.01
CA SER A 49 -32.27 -22.66 23.51
C SER A 49 -32.28 -23.76 22.45
N ASN A 50 -32.87 -23.49 21.29
CA ASN A 50 -32.90 -24.49 20.22
C ASN A 50 -31.89 -24.24 19.09
N VAL A 51 -30.69 -23.77 19.45
CA VAL A 51 -29.62 -23.64 18.47
C VAL A 51 -28.43 -24.50 18.87
N PRO A 52 -28.09 -25.49 18.03
CA PRO A 52 -26.89 -26.33 18.17
C PRO A 52 -25.61 -25.54 18.47
N ASP A 53 -24.63 -26.20 19.07
CA ASP A 53 -23.38 -25.57 19.48
C ASP A 53 -22.52 -25.21 18.29
N LEU A 54 -22.96 -25.64 17.11
CA LEU A 54 -22.15 -25.54 15.92
C LEU A 54 -23.05 -25.49 14.71
N VAL A 55 -23.17 -24.31 14.11
CA VAL A 55 -24.07 -24.15 12.97
C VAL A 55 -23.32 -23.92 11.66
N TRP A 56 -24.04 -24.05 10.56
CA TRP A 56 -23.55 -23.62 9.26
C TRP A 56 -24.39 -22.46 8.76
N THR A 57 -23.76 -21.49 8.11
CA THR A 57 -24.50 -20.46 7.41
C THR A 57 -24.09 -20.44 5.95
N ARG A 58 -25.04 -20.10 5.09
CA ARG A 58 -24.81 -20.05 3.67
C ARG A 58 -24.31 -18.67 3.26
N SER A 59 -24.43 -17.70 4.17
CA SER A 59 -24.07 -16.33 3.83
C SER A 59 -22.59 -16.03 4.08
N ASN A 60 -22.14 -14.94 3.50
CA ASN A 60 -20.74 -14.51 3.49
C ASN A 60 -19.79 -15.51 2.87
N GLY A 61 -20.26 -16.30 1.93
CA GLY A 61 -19.43 -17.32 1.31
C GLY A 61 -19.81 -18.70 1.77
N GLY A 62 -20.08 -18.82 3.07
CA GLY A 62 -20.49 -20.09 3.65
C GLY A 62 -19.53 -20.55 4.72
N HIS A 63 -19.99 -20.64 5.96
CA HIS A 63 -19.09 -21.04 7.03
C HIS A 63 -19.78 -21.57 8.29
N TRP A 64 -18.98 -22.23 9.12
CA TRP A 64 -19.39 -22.74 10.42
C TRP A 64 -19.32 -21.64 11.46
N ILE A 65 -20.04 -21.82 12.56
CA ILE A 65 -19.97 -20.91 13.70
C ILE A 65 -20.06 -21.71 15.00
N ALA A 66 -19.06 -21.54 15.87
CA ALA A 66 -19.17 -22.01 17.24
C ALA A 66 -19.92 -20.98 18.05
N THR A 67 -21.00 -21.41 18.70
CA THR A 67 -21.91 -20.47 19.31
C THR A 67 -21.78 -20.44 20.83
N ARG A 68 -20.81 -21.21 21.35
CA ARG A 68 -20.71 -21.51 22.78
C ARG A 68 -19.26 -21.46 23.25
N GLY A 69 -19.03 -20.93 24.44
CA GLY A 69 -17.69 -20.74 24.97
C GLY A 69 -16.75 -21.95 24.99
N GLN A 70 -17.32 -23.13 25.25
CA GLN A 70 -16.55 -24.37 25.33
C GLN A 70 -15.92 -24.72 23.97
N LEU A 71 -16.72 -24.66 22.91
CA LEU A 71 -16.23 -25.03 21.59
C LEU A 71 -15.26 -23.99 21.05
N ILE A 72 -15.59 -22.73 21.25
CA ILE A 72 -14.75 -21.62 20.80
C ILE A 72 -13.36 -21.79 21.43
N ARG A 73 -13.32 -22.00 22.73
CA ARG A 73 -12.05 -22.16 23.40
C ARG A 73 -11.30 -23.40 22.92
N GLU A 74 -12.03 -24.49 22.69
CA GLU A 74 -11.41 -25.71 22.18
C GLU A 74 -10.74 -25.52 20.85
N ALA A 75 -11.49 -24.94 19.91
CA ALA A 75 -11.01 -24.67 18.58
C ALA A 75 -9.82 -23.73 18.60
N TYR A 76 -9.87 -22.70 19.44
CA TYR A 76 -8.76 -21.78 19.56
C TYR A 76 -7.55 -22.44 20.22
N GLU A 77 -7.72 -23.65 20.76
CA GLU A 77 -6.64 -24.36 21.44
C GLU A 77 -5.96 -25.37 20.54
N ASP A 78 -6.53 -25.59 19.37
CA ASP A 78 -6.02 -26.60 18.45
C ASP A 78 -5.71 -25.99 17.11
N TYR A 79 -4.50 -25.48 16.94
CA TYR A 79 -4.15 -24.81 15.69
C TYR A 79 -3.75 -25.80 14.58
N ARG A 80 -3.48 -27.04 14.95
CA ARG A 80 -3.16 -28.08 13.97
C ARG A 80 -4.36 -28.37 13.05
N HIS A 81 -5.56 -28.32 13.62
CA HIS A 81 -6.79 -28.47 12.83
C HIS A 81 -7.39 -27.13 12.40
N PHE A 82 -7.30 -26.14 13.28
CA PHE A 82 -7.88 -24.81 13.04
C PHE A 82 -6.78 -23.77 12.84
N SER A 83 -6.43 -23.53 11.58
CA SER A 83 -5.27 -22.71 11.22
C SER A 83 -5.61 -21.23 11.10
N SER A 84 -4.67 -20.38 11.51
CA SER A 84 -4.74 -18.93 11.30
C SER A 84 -4.41 -18.45 9.91
N GLU A 85 -4.12 -19.37 8.99
CA GLU A 85 -3.68 -18.95 7.66
C GLU A 85 -4.78 -18.12 7.01
N SER A 86 -6.03 -18.44 7.35
CA SER A 86 -7.18 -17.71 6.84
C SER A 86 -8.19 -17.42 7.97
N PRO A 87 -7.88 -16.40 8.81
CA PRO A 87 -8.67 -16.18 10.03
C PRO A 87 -9.82 -15.18 9.90
N PHE A 88 -10.17 -14.77 8.68
CA PHE A 88 -11.18 -13.73 8.45
C PHE A 88 -12.30 -14.29 7.59
N ILE A 89 -13.53 -13.90 7.89
CA ILE A 89 -14.65 -14.32 7.06
C ILE A 89 -15.30 -13.09 6.47
N PRO A 90 -15.53 -13.08 5.15
CA PRO A 90 -15.21 -14.14 4.19
C PRO A 90 -13.71 -14.19 3.87
N ARG A 91 -13.27 -15.27 3.22
CA ARG A 91 -11.85 -15.49 2.98
C ARG A 91 -11.25 -14.40 2.12
N GLU A 92 -12.05 -13.83 1.23
CA GLU A 92 -11.59 -12.77 0.34
C GLU A 92 -11.14 -11.55 1.14
N ALA A 93 -11.62 -11.45 2.38
CA ALA A 93 -11.22 -10.37 3.29
C ALA A 93 -9.81 -10.59 3.82
N GLY A 94 -9.14 -11.63 3.34
CA GLY A 94 -7.78 -11.92 3.71
C GLY A 94 -6.80 -11.40 2.68
N GLU A 95 -7.24 -11.32 1.43
CA GLU A 95 -6.53 -10.62 0.37
C GLU A 95 -5.80 -9.40 0.94
N ALA A 96 -4.50 -9.30 0.63
CA ALA A 96 -3.70 -8.13 1.01
C ALA A 96 -3.57 -7.93 2.52
N TYR A 97 -4.08 -8.87 3.31
CA TYR A 97 -3.94 -8.76 4.74
C TYR A 97 -2.74 -9.56 5.20
N ASP A 98 -1.63 -8.89 5.40
CA ASP A 98 -0.41 -9.63 5.70
C ASP A 98 0.27 -9.09 6.94
N PHE A 99 -0.51 -8.50 7.83
CA PHE A 99 0.07 -8.12 9.10
C PHE A 99 0.61 -9.36 9.84
N ILE A 100 1.57 -9.12 10.73
CA ILE A 100 2.24 -10.17 11.46
C ILE A 100 2.01 -9.90 12.94
N PRO A 101 1.69 -10.96 13.73
CA PRO A 101 1.65 -12.39 13.41
C PRO A 101 0.27 -13.02 13.26
N THR A 102 -0.73 -12.23 12.96
CA THR A 102 -2.11 -12.67 12.77
C THR A 102 -2.32 -14.01 12.06
N SER A 103 -1.58 -14.25 10.99
CA SER A 103 -1.82 -15.42 10.16
C SER A 103 -0.79 -16.52 10.37
N MET A 104 0.11 -16.35 11.32
CA MET A 104 1.09 -17.41 11.60
C MET A 104 0.65 -18.35 12.68
N ASP A 105 1.12 -19.58 12.62
CA ASP A 105 0.93 -20.52 13.71
C ASP A 105 2.28 -20.79 14.37
N PRO A 106 2.26 -21.35 15.60
CA PRO A 106 3.53 -21.84 16.18
C PRO A 106 4.23 -22.87 15.28
N PRO A 107 5.56 -22.90 15.27
CA PRO A 107 6.47 -22.18 16.16
C PRO A 107 6.93 -20.84 15.64
N GLU A 108 6.65 -20.51 14.37
CA GLU A 108 7.14 -19.24 13.88
C GLU A 108 6.41 -18.08 14.56
N GLN A 109 5.12 -18.23 14.79
CA GLN A 109 4.32 -17.17 15.43
C GLN A 109 4.92 -16.69 16.74
N ARG A 110 5.45 -17.66 17.47
CA ARG A 110 6.13 -17.47 18.73
C ARG A 110 7.30 -16.50 18.72
N GLN A 111 8.14 -16.65 17.70
CA GLN A 111 9.25 -15.73 17.44
C GLN A 111 8.79 -14.28 17.44
N PHE A 112 7.68 -14.01 16.77
CA PHE A 112 7.22 -12.62 16.73
C PHE A 112 6.49 -12.22 18.03
N ARG A 113 5.98 -13.19 18.80
CA ARG A 113 5.35 -12.80 20.06
C ARG A 113 6.42 -12.45 21.09
N ALA A 114 7.56 -13.16 21.10
CA ALA A 114 8.64 -12.79 21.98
C ALA A 114 9.08 -11.34 21.72
N LEU A 115 9.25 -10.99 20.44
CA LEU A 115 9.68 -9.65 20.09
C LEU A 115 8.65 -8.63 20.52
N ALA A 116 7.39 -8.89 20.19
CA ALA A 116 6.29 -8.00 20.52
C ALA A 116 6.15 -7.77 22.03
N ASN A 117 6.36 -8.81 22.82
CA ASN A 117 6.27 -8.69 24.27
C ASN A 117 7.21 -7.64 24.82
N GLN A 118 8.31 -7.40 24.10
CA GLN A 118 9.27 -6.39 24.47
C GLN A 118 8.76 -4.98 24.23
N VAL A 119 7.76 -4.81 23.36
CA VAL A 119 7.25 -3.47 23.11
C VAL A 119 5.86 -3.18 23.72
N VAL A 120 5.10 -4.21 24.11
CA VAL A 120 3.79 -3.95 24.75
C VAL A 120 3.50 -4.90 25.93
N GLY A 121 4.54 -5.56 26.44
CA GLY A 121 4.38 -6.40 27.59
C GLY A 121 4.11 -5.59 28.85
N MET A 122 3.65 -6.26 29.90
CA MET A 122 3.33 -5.60 31.17
C MET A 122 4.41 -4.63 31.67
N PRO A 123 5.70 -5.01 31.58
CA PRO A 123 6.70 -4.05 32.07
C PRO A 123 6.68 -2.72 31.32
N VAL A 124 6.46 -2.77 30.01
CA VAL A 124 6.36 -1.56 29.22
C VAL A 124 5.09 -0.79 29.56
N VAL A 125 3.96 -1.48 29.63
CA VAL A 125 2.71 -0.85 29.99
C VAL A 125 2.86 -0.07 31.31
N ASP A 126 3.41 -0.72 32.32
CA ASP A 126 3.57 -0.10 33.65
C ASP A 126 4.37 1.22 33.64
N LYS A 127 5.49 1.28 32.95
CA LYS A 127 6.29 2.50 32.98
C LYS A 127 5.75 3.58 32.04
N LEU A 128 4.74 3.22 31.25
CA LEU A 128 4.04 4.15 30.40
C LEU A 128 2.76 4.71 31.03
N GLU A 129 2.35 4.17 32.17
CA GLU A 129 1.02 4.45 32.70
C GLU A 129 0.82 5.94 32.97
N ASN A 130 1.65 6.51 33.83
CA ASN A 130 1.50 7.92 34.18
C ASN A 130 1.47 8.82 32.94
N ARG A 131 2.33 8.51 31.98
CA ARG A 131 2.35 9.25 30.73
C ARG A 131 1.03 9.06 29.95
N ILE A 132 0.41 7.89 30.11
CA ILE A 132 -0.89 7.62 29.50
C ILE A 132 -2.04 8.33 30.22
N GLN A 133 -1.92 8.50 31.52
CA GLN A 133 -3.02 9.12 32.23
C GLN A 133 -3.01 10.63 32.02
N GLU A 134 -1.82 11.22 31.87
CA GLU A 134 -1.74 12.66 31.60
C GLU A 134 -2.28 12.93 30.21
N LEU A 135 -2.05 11.99 29.31
CA LEU A 135 -2.66 12.06 28.00
C LEU A 135 -4.17 11.98 28.08
N ALA A 136 -4.67 10.93 28.72
CA ALA A 136 -6.10 10.78 28.96
C ALA A 136 -6.70 12.02 29.62
N SER A 137 -6.04 12.48 30.70
CA SER A 137 -6.53 13.64 31.45
C SER A 137 -6.66 14.87 30.57
N SER A 138 -5.57 15.18 29.87
CA SER A 138 -5.46 16.30 28.94
C SER A 138 -6.58 16.31 27.89
N LEU A 139 -6.99 15.14 27.43
CA LEU A 139 -8.06 15.07 26.44
C LEU A 139 -9.38 15.39 27.11
N ILE A 140 -9.55 14.82 28.30
CA ILE A 140 -10.73 15.02 29.10
C ILE A 140 -10.75 16.46 29.61
N GLU A 141 -9.66 16.89 30.25
CA GLU A 141 -9.62 18.20 30.89
C GLU A 141 -10.00 19.31 29.93
N SER A 142 -9.50 19.23 28.70
CA SER A 142 -9.84 20.22 27.68
C SER A 142 -11.02 19.75 26.84
N LEU A 143 -12.09 19.31 27.52
CA LEU A 143 -13.29 18.83 26.86
C LEU A 143 -14.49 19.05 27.77
N ARG A 144 -14.19 19.26 29.04
CA ARG A 144 -15.18 19.22 30.12
C ARG A 144 -16.18 20.40 30.13
N PRO A 145 -15.71 21.66 30.01
CA PRO A 145 -16.71 22.74 30.09
C PRO A 145 -17.59 22.87 28.85
N GLN A 146 -17.53 21.91 27.92
CA GLN A 146 -18.39 21.93 26.74
C GLN A 146 -19.75 21.30 27.03
N GLY A 147 -19.81 20.45 28.05
CA GLY A 147 -21.06 19.80 28.41
C GLY A 147 -21.64 18.92 27.33
N GLN A 148 -20.85 18.65 26.29
CA GLN A 148 -21.27 17.81 25.19
C GLN A 148 -20.06 17.32 24.37
N CYS A 149 -20.23 16.20 23.70
CA CYS A 149 -19.20 15.70 22.77
C CYS A 149 -19.69 14.50 21.97
N ASN A 150 -19.07 14.27 20.83
CA ASN A 150 -19.17 12.97 20.18
C ASN A 150 -18.03 12.12 20.68
N PHE A 151 -18.18 11.53 21.86
CA PHE A 151 -17.15 10.72 22.51
C PHE A 151 -16.27 9.97 21.51
N THR A 152 -16.91 9.40 20.50
CA THR A 152 -16.22 8.56 19.54
C THR A 152 -15.14 9.33 18.80
N GLU A 153 -15.50 10.48 18.26
CA GLU A 153 -14.52 11.33 17.58
C GLU A 153 -13.65 12.11 18.56
N ASP A 154 -14.26 12.56 19.65
CA ASP A 154 -13.59 13.49 20.56
C ASP A 154 -12.55 12.82 21.46
N TYR A 155 -12.77 11.55 21.82
CA TYR A 155 -11.89 10.87 22.77
C TYR A 155 -11.51 9.47 22.31
N ALA A 156 -12.50 8.64 21.99
CA ALA A 156 -12.19 7.24 21.65
C ALA A 156 -11.16 7.15 20.52
N GLU A 157 -11.24 8.00 19.52
CA GLU A 157 -10.26 7.91 18.42
C GLU A 157 -8.91 8.57 18.75
N PRO A 158 -8.88 9.81 19.26
CA PRO A 158 -7.53 10.37 19.48
C PRO A 158 -6.65 9.64 20.52
N PHE A 159 -7.28 9.03 21.54
CA PHE A 159 -6.55 8.46 22.67
C PHE A 159 -5.62 7.29 22.29
N PRO A 160 -6.13 6.23 21.63
CA PRO A 160 -5.18 5.16 21.32
C PRO A 160 -4.13 5.53 20.29
N ILE A 161 -4.46 6.38 19.33
CA ILE A 161 -3.48 6.66 18.31
C ILE A 161 -2.42 7.55 18.90
N ARG A 162 -2.78 8.32 19.91
CA ARG A 162 -1.79 9.14 20.58
C ARG A 162 -0.85 8.31 21.44
N ILE A 163 -1.32 7.16 21.90
CA ILE A 163 -0.50 6.26 22.71
C ILE A 163 0.50 5.54 21.81
N PHE A 164 0.04 5.12 20.64
CA PHE A 164 0.93 4.57 19.66
C PHE A 164 2.09 5.51 19.38
N MET A 165 1.82 6.78 19.11
CA MET A 165 2.88 7.75 18.81
C MET A 165 3.89 7.76 19.93
N LEU A 166 3.37 7.67 21.14
CA LEU A 166 4.17 7.72 22.34
C LEU A 166 5.12 6.55 22.45
N LEU A 167 4.63 5.35 22.18
CA LEU A 167 5.47 4.19 22.33
C LEU A 167 6.19 3.84 21.03
N ALA A 168 5.82 4.50 19.92
CA ALA A 168 6.56 4.28 18.67
C ALA A 168 7.59 5.38 18.47
N GLY A 169 7.46 6.47 19.22
CA GLY A 169 8.43 7.54 19.13
C GLY A 169 8.28 8.32 17.84
N LEU A 170 7.04 8.63 17.51
CA LEU A 170 6.70 9.29 16.27
C LEU A 170 6.15 10.66 16.58
N PRO A 171 6.46 11.64 15.71
CA PRO A 171 6.12 13.05 15.92
C PRO A 171 4.62 13.26 15.95
N GLU A 172 4.16 14.22 16.76
CA GLU A 172 2.74 14.47 16.91
C GLU A 172 2.06 14.89 15.61
N GLU A 173 2.75 15.65 14.78
CA GLU A 173 2.10 16.12 13.56
C GLU A 173 2.01 15.02 12.51
N ASP A 174 2.56 13.85 12.83
CA ASP A 174 2.39 12.70 11.97
C ASP A 174 1.00 12.08 12.14
N ILE A 175 0.29 12.51 13.18
CA ILE A 175 -1.00 11.91 13.50
C ILE A 175 -2.08 12.07 12.40
N PRO A 176 -2.28 13.29 11.84
CA PRO A 176 -3.31 13.40 10.79
C PRO A 176 -3.15 12.37 9.65
N HIS A 177 -1.90 12.13 9.25
CA HIS A 177 -1.56 11.19 8.17
C HIS A 177 -1.90 9.76 8.54
N LEU A 178 -1.39 9.31 9.69
CA LEU A 178 -1.65 7.96 10.12
C LEU A 178 -3.15 7.75 10.35
N LYS A 179 -3.80 8.74 10.95
CA LYS A 179 -5.25 8.63 11.17
C LYS A 179 -5.99 8.35 9.88
N TYR A 180 -5.72 9.17 8.87
CA TYR A 180 -6.30 9.02 7.56
C TYR A 180 -6.12 7.60 7.03
N LEU A 181 -4.88 7.12 7.07
CA LEU A 181 -4.52 5.83 6.51
C LEU A 181 -5.22 4.70 7.25
N THR A 182 -5.10 4.68 8.56
CA THR A 182 -5.80 3.66 9.35
C THR A 182 -7.32 3.78 9.15
N ASP A 183 -7.84 5.01 9.10
CA ASP A 183 -9.25 5.25 8.74
C ASP A 183 -9.67 4.57 7.44
N GLN A 184 -8.95 4.82 6.34
CA GLN A 184 -9.27 4.21 5.05
C GLN A 184 -9.26 2.68 5.15
N MET A 185 -8.35 2.15 5.96
CA MET A 185 -8.30 0.72 6.22
C MET A 185 -9.55 0.26 6.97
N THR A 186 -9.74 0.78 8.17
CA THR A 186 -10.90 0.43 8.99
C THR A 186 -12.23 0.82 8.35
N ARG A 187 -12.36 2.10 8.03
CA ARG A 187 -13.64 2.69 7.60
C ARG A 187 -13.55 3.31 6.19
N PRO A 188 -13.49 2.46 5.14
CA PRO A 188 -13.21 2.88 3.76
C PRO A 188 -14.07 4.03 3.21
N ASP A 189 -13.52 4.72 2.21
CA ASP A 189 -14.12 5.95 1.71
C ASP A 189 -14.51 5.80 0.23
N GLY A 190 -13.89 4.84 -0.44
CA GLY A 190 -14.05 4.68 -1.88
C GLY A 190 -12.97 5.49 -2.54
N SER A 191 -12.25 6.26 -1.72
CA SER A 191 -11.20 7.14 -2.21
C SER A 191 -9.83 6.51 -2.06
N MET A 192 -9.81 5.25 -1.66
CA MET A 192 -8.58 4.51 -1.45
C MET A 192 -8.91 3.07 -1.06
N THR A 193 -8.23 2.11 -1.66
CA THR A 193 -8.44 0.70 -1.33
C THR A 193 -7.68 0.43 -0.07
N PHE A 194 -8.12 -0.60 0.65
CA PHE A 194 -7.40 -1.04 1.82
C PHE A 194 -5.95 -1.40 1.50
N ALA A 195 -5.73 -2.09 0.38
CA ALA A 195 -4.38 -2.46 -0.01
C ALA A 195 -3.51 -1.20 -0.20
N GLU A 196 -4.08 -0.17 -0.79
CA GLU A 196 -3.34 1.08 -0.97
C GLU A 196 -3.03 1.72 0.37
N ALA A 197 -3.99 1.67 1.30
CA ALA A 197 -3.84 2.39 2.56
C ALA A 197 -2.78 1.66 3.35
N LYS A 198 -2.89 0.33 3.36
CA LYS A 198 -1.87 -0.50 4.00
C LYS A 198 -0.47 -0.17 3.45
N GLU A 199 -0.31 -0.19 2.11
CA GLU A 199 1.00 0.04 1.51
C GLU A 199 1.55 1.41 1.92
N ALA A 200 0.66 2.40 2.02
CA ALA A 200 1.06 3.74 2.45
C ALA A 200 1.61 3.73 3.88
N LEU A 201 0.92 3.03 4.78
CA LEU A 201 1.41 2.76 6.12
C LEU A 201 2.80 2.08 6.15
N TYR A 202 2.97 1.00 5.41
CA TYR A 202 4.28 0.38 5.28
C TYR A 202 5.36 1.39 4.81
N ASP A 203 5.00 2.26 3.85
CA ASP A 203 5.99 3.19 3.27
C ASP A 203 6.33 4.30 4.22
N TYR A 204 5.37 4.66 5.06
CA TYR A 204 5.62 5.54 6.17
C TYR A 204 6.58 4.92 7.18
N LEU A 205 6.43 3.62 7.41
CA LEU A 205 7.16 2.95 8.48
C LEU A 205 8.58 2.57 8.08
N ILE A 206 8.74 2.17 6.83
CA ILE A 206 9.95 1.47 6.45
C ILE A 206 11.25 2.30 6.48
N PRO A 207 11.21 3.63 6.26
CA PRO A 207 12.48 4.35 6.42
C PRO A 207 12.79 4.66 7.87
N ILE A 208 11.77 4.70 8.70
CA ILE A 208 11.94 4.89 10.13
C ILE A 208 12.60 3.65 10.72
N ILE A 209 12.09 2.49 10.32
CA ILE A 209 12.66 1.20 10.68
C ILE A 209 14.16 1.10 10.28
N GLU A 210 14.46 1.34 9.01
CA GLU A 210 15.85 1.32 8.53
C GLU A 210 16.73 2.34 9.25
N GLN A 211 16.20 3.53 9.48
CA GLN A 211 16.96 4.56 10.18
C GLN A 211 17.24 4.18 11.63
N ARG A 212 16.29 3.52 12.29
CA ARG A 212 16.45 3.21 13.71
C ARG A 212 17.10 1.84 13.92
N ARG A 213 17.23 1.08 12.85
CA ARG A 213 18.01 -0.13 12.90
C ARG A 213 19.48 0.25 13.02
N GLN A 214 19.86 1.34 12.37
CA GLN A 214 21.25 1.74 12.38
C GLN A 214 21.52 2.86 13.40
N LYS A 215 20.48 3.49 13.96
CA LYS A 215 20.66 4.46 15.04
C LYS A 215 19.53 4.38 16.08
N PRO A 216 19.56 3.32 16.92
CA PRO A 216 18.47 2.87 17.79
C PRO A 216 18.06 3.85 18.91
N GLY A 217 16.79 3.79 19.30
CA GLY A 217 16.30 4.41 20.51
C GLY A 217 15.68 3.34 21.40
N THR A 218 14.85 3.75 22.35
CA THR A 218 14.16 2.82 23.26
C THR A 218 12.70 2.59 22.87
N ASP A 219 12.25 3.32 21.86
CA ASP A 219 10.88 3.20 21.32
C ASP A 219 10.57 1.84 20.70
N ALA A 220 9.27 1.62 20.45
CA ALA A 220 8.81 0.35 19.90
C ALA A 220 9.45 0.02 18.56
N ILE A 221 9.60 1.02 17.70
CA ILE A 221 10.13 0.78 16.36
C ILE A 221 11.58 0.31 16.39
N SER A 222 12.42 1.00 17.16
CA SER A 222 13.80 0.56 17.36
C SER A 222 13.86 -0.91 17.81
N ILE A 223 13.14 -1.24 18.88
CA ILE A 223 13.18 -2.59 19.43
C ILE A 223 12.78 -3.63 18.39
N VAL A 224 11.70 -3.38 17.68
CA VAL A 224 11.26 -4.30 16.66
C VAL A 224 12.28 -4.35 15.50
N ALA A 225 12.77 -3.20 15.07
CA ALA A 225 13.71 -3.18 13.96
C ALA A 225 15.03 -3.87 14.34
N ASN A 226 15.38 -3.84 15.62
CA ASN A 226 16.67 -4.41 15.99
C ASN A 226 16.57 -5.81 16.57
N GLY A 227 15.36 -6.37 16.58
CA GLY A 227 15.14 -7.68 17.17
C GLY A 227 15.53 -8.83 16.28
N GLN A 228 15.61 -10.02 16.85
CA GLN A 228 15.86 -11.22 16.07
C GLN A 228 14.63 -12.12 16.03
N VAL A 229 14.42 -12.76 14.90
CA VAL A 229 13.36 -13.75 14.81
C VAL A 229 13.98 -14.95 14.12
N ASN A 230 13.64 -16.15 14.59
CA ASN A 230 14.13 -17.40 14.04
C ASN A 230 15.64 -17.54 14.06
N GLY A 231 16.33 -16.69 14.81
CA GLY A 231 17.76 -16.83 15.02
C GLY A 231 18.61 -15.99 14.08
N ARG A 232 17.98 -15.04 13.39
CA ARG A 232 18.66 -14.12 12.49
C ARG A 232 17.93 -12.78 12.54
N PRO A 233 18.51 -11.72 11.94
CA PRO A 233 17.83 -10.43 12.14
C PRO A 233 16.47 -10.37 11.43
N ILE A 234 15.50 -9.77 12.09
CA ILE A 234 14.22 -9.47 11.46
C ILE A 234 14.45 -8.62 10.21
N THR A 235 13.79 -8.97 9.11
CA THR A 235 13.94 -8.18 7.91
C THR A 235 13.16 -6.87 8.07
N SER A 236 13.45 -5.92 7.19
CA SER A 236 12.60 -4.72 7.10
C SER A 236 11.13 -5.06 6.84
N ASP A 237 10.92 -6.04 5.97
CA ASP A 237 9.57 -6.48 5.59
C ASP A 237 8.82 -7.02 6.80
N GLU A 238 9.46 -7.93 7.54
CA GLU A 238 8.84 -8.52 8.72
C GLU A 238 8.53 -7.42 9.73
N ALA A 239 9.46 -6.46 9.89
CA ALA A 239 9.31 -5.45 10.94
C ALA A 239 8.18 -4.50 10.63
N LYS A 240 8.02 -4.13 9.36
CA LYS A 240 6.92 -3.23 9.02
C LYS A 240 5.58 -3.95 9.15
N ARG A 241 5.53 -5.23 8.80
CA ARG A 241 4.27 -5.95 8.88
C ARG A 241 3.85 -6.16 10.34
N MET A 242 4.81 -6.20 11.26
CA MET A 242 4.44 -6.34 12.64
C MET A 242 4.22 -4.98 13.27
N CYS A 243 5.06 -4.01 12.91
CA CYS A 243 4.89 -2.67 13.43
C CYS A 243 3.53 -2.15 13.01
N GLY A 244 3.16 -2.46 11.76
CA GLY A 244 1.87 -2.09 11.19
C GLY A 244 0.72 -2.56 12.06
N LEU A 245 0.81 -3.78 12.56
CA LEU A 245 -0.28 -4.36 13.33
C LEU A 245 -0.34 -3.82 14.76
N LEU A 246 0.80 -3.48 15.34
CA LEU A 246 0.83 -2.82 16.64
C LEU A 246 0.11 -1.48 16.59
N LEU A 247 0.13 -0.87 15.42
CA LEU A 247 -0.68 0.33 15.17
C LEU A 247 -2.14 -0.03 14.98
N VAL A 248 -2.44 -0.78 13.94
CA VAL A 248 -3.79 -1.08 13.56
C VAL A 248 -4.49 -1.93 14.64
N GLY A 249 -3.78 -2.85 15.30
CA GLY A 249 -4.39 -3.77 16.25
C GLY A 249 -5.07 -3.10 17.42
N GLY A 250 -4.59 -1.91 17.77
CA GLY A 250 -5.07 -1.27 18.96
C GLY A 250 -5.83 0.00 18.73
N LEU A 251 -6.37 0.20 17.51
CA LEU A 251 -7.21 1.36 17.23
C LEU A 251 -8.68 1.01 17.30
N ASP A 252 -9.18 0.43 16.21
CA ASP A 252 -10.59 0.13 15.99
C ASP A 252 -11.23 -0.64 17.16
N THR A 253 -10.46 -1.51 17.81
CA THR A 253 -10.98 -2.29 18.94
C THR A 253 -11.05 -1.44 20.21
N VAL A 254 -9.98 -0.71 20.54
CA VAL A 254 -10.07 0.23 21.65
C VAL A 254 -11.14 1.31 21.40
N VAL A 255 -11.13 1.95 20.23
CA VAL A 255 -12.18 2.96 19.91
C VAL A 255 -13.60 2.43 20.15
N ASN A 256 -13.87 1.19 19.74
CA ASN A 256 -15.22 0.67 19.82
C ASN A 256 -15.55 0.16 21.20
N PHE A 257 -14.63 -0.56 21.82
CA PHE A 257 -14.89 -0.99 23.16
C PHE A 257 -15.12 0.19 24.10
N LEU A 258 -14.31 1.24 24.01
CA LEU A 258 -14.54 2.42 24.87
C LEU A 258 -15.93 3.03 24.62
N SER A 259 -16.44 2.88 23.40
CA SER A 259 -17.73 3.47 23.08
C SER A 259 -18.90 2.65 23.59
N PHE A 260 -18.82 1.34 23.45
CA PHE A 260 -19.79 0.44 24.07
C PHE A 260 -19.88 0.68 25.57
N SER A 261 -18.71 0.75 26.21
CA SER A 261 -18.63 0.99 27.64
C SER A 261 -19.22 2.32 28.04
N MET A 262 -18.85 3.36 27.30
CA MET A 262 -19.25 4.72 27.64
C MET A 262 -20.72 4.93 27.38
N GLU A 263 -21.22 4.23 26.36
CA GLU A 263 -22.64 4.20 26.09
C GLU A 263 -23.38 3.60 27.29
N PHE A 264 -22.82 2.53 27.85
CA PHE A 264 -23.44 1.87 28.98
C PHE A 264 -23.50 2.81 30.18
N LEU A 265 -22.39 3.46 30.49
CA LEU A 265 -22.36 4.33 31.65
C LEU A 265 -23.27 5.57 31.52
N ALA A 266 -23.50 6.02 30.29
CA ALA A 266 -24.34 7.18 30.08
C ALA A 266 -25.81 6.80 30.24
N LYS A 267 -26.09 5.51 30.09
CA LYS A 267 -27.44 4.99 30.22
C LYS A 267 -27.70 4.42 31.60
N SER A 268 -26.70 4.47 32.47
CA SER A 268 -26.80 3.77 33.74
C SER A 268 -26.14 4.50 34.90
N PRO A 269 -26.84 5.51 35.44
CA PRO A 269 -26.38 6.31 36.58
C PRO A 269 -25.98 5.46 37.78
N GLU A 270 -26.62 4.31 37.96
CA GLU A 270 -26.36 3.49 39.14
C GLU A 270 -24.95 2.90 39.10
N HIS A 271 -24.52 2.46 37.92
CA HIS A 271 -23.17 1.94 37.80
C HIS A 271 -22.13 3.06 37.87
N ARG A 272 -22.48 4.26 37.44
CA ARG A 272 -21.55 5.38 37.56
C ARG A 272 -21.25 5.66 39.01
N GLN A 273 -22.30 5.88 39.80
CA GLN A 273 -22.16 6.27 41.20
C GLN A 273 -21.32 5.27 41.98
N GLU A 274 -21.49 3.99 41.68
CA GLU A 274 -20.68 2.93 42.29
C GLU A 274 -19.18 3.20 42.09
N LEU A 275 -18.77 3.42 40.85
CA LEU A 275 -17.37 3.68 40.55
C LEU A 275 -16.94 5.04 41.08
N ILE A 276 -17.92 5.94 41.21
CA ILE A 276 -17.69 7.29 41.71
C ILE A 276 -17.52 7.28 43.22
N GLU A 277 -18.22 6.37 43.87
CA GLU A 277 -18.07 6.24 45.30
C GLU A 277 -16.95 5.27 45.60
N ARG A 278 -16.68 4.36 44.68
CA ARG A 278 -15.63 3.37 44.89
C ARG A 278 -14.73 3.14 43.68
N PRO A 279 -13.86 4.12 43.37
CA PRO A 279 -12.92 4.00 42.25
C PRO A 279 -12.08 2.73 42.33
N GLU A 280 -11.93 2.18 43.52
CA GLU A 280 -11.21 0.92 43.69
C GLU A 280 -11.86 -0.21 42.90
N ARG A 281 -13.14 -0.09 42.57
CA ARG A 281 -13.87 -1.13 41.84
C ARG A 281 -13.60 -1.09 40.32
N ILE A 282 -13.19 0.09 39.83
CA ILE A 282 -12.95 0.30 38.38
C ILE A 282 -12.13 -0.79 37.65
N PRO A 283 -11.01 -1.27 38.23
CA PRO A 283 -10.30 -2.34 37.50
C PRO A 283 -11.15 -3.60 37.29
N ALA A 284 -11.90 -3.96 38.33
CA ALA A 284 -12.77 -5.12 38.30
C ALA A 284 -13.97 -4.89 37.38
N ALA A 285 -14.49 -3.66 37.41
CA ALA A 285 -15.58 -3.24 36.53
C ALA A 285 -15.16 -3.25 35.05
N SER A 286 -13.92 -2.86 34.79
CA SER A 286 -13.39 -2.93 33.43
C SER A 286 -13.44 -4.34 32.89
N GLU A 287 -13.15 -5.32 33.74
CA GLU A 287 -13.16 -6.71 33.30
C GLU A 287 -14.57 -7.12 32.97
N GLU A 288 -15.52 -6.67 33.79
CA GLU A 288 -16.92 -6.96 33.57
C GLU A 288 -17.41 -6.24 32.32
N LEU A 289 -17.02 -4.98 32.17
CA LEU A 289 -17.30 -4.25 30.92
C LEU A 289 -16.70 -4.99 29.69
N LEU A 290 -15.51 -5.58 29.85
CA LEU A 290 -14.88 -6.39 28.78
C LEU A 290 -15.68 -7.65 28.40
N ARG A 291 -16.20 -8.39 29.38
CA ARG A 291 -17.08 -9.53 29.10
C ARG A 291 -18.39 -9.13 28.40
N ARG A 292 -19.09 -8.17 28.99
CA ARG A 292 -20.41 -7.78 28.52
C ARG A 292 -20.37 -7.09 27.14
N PHE A 293 -19.35 -6.29 26.88
CA PHE A 293 -19.32 -5.56 25.62
C PHE A 293 -18.20 -6.03 24.73
N SER A 294 -17.95 -7.33 24.79
CA SER A 294 -16.97 -7.99 23.92
C SER A 294 -17.35 -7.67 22.47
N LEU A 295 -16.41 -7.76 21.53
CA LEU A 295 -16.69 -7.23 20.19
C LEU A 295 -15.90 -7.82 19.01
N VAL A 296 -14.92 -8.65 19.28
CA VAL A 296 -14.20 -9.25 18.14
C VAL A 296 -14.87 -10.56 17.76
N ALA A 297 -14.91 -10.82 16.46
CA ALA A 297 -15.28 -12.14 15.96
C ALA A 297 -14.40 -12.55 14.77
N ASP A 298 -13.33 -13.30 15.00
CA ASP A 298 -12.76 -13.94 13.81
C ASP A 298 -12.78 -15.43 13.96
N GLY A 299 -12.05 -16.10 13.10
CA GLY A 299 -12.19 -17.53 12.98
C GLY A 299 -10.91 -18.20 12.52
N ARG A 300 -11.08 -19.45 12.06
CA ARG A 300 -9.97 -20.27 11.63
C ARG A 300 -10.41 -21.09 10.41
N ILE A 301 -9.44 -21.71 9.75
CA ILE A 301 -9.71 -22.55 8.60
C ILE A 301 -9.22 -23.97 8.87
N LEU A 302 -9.87 -24.94 8.24
CA LEU A 302 -9.58 -26.34 8.54
C LEU A 302 -8.39 -26.84 7.70
N THR A 303 -7.42 -27.43 8.39
CA THR A 303 -6.23 -27.96 7.74
C THR A 303 -6.51 -29.33 7.15
N SER A 304 -7.55 -29.96 7.68
CA SER A 304 -7.87 -31.32 7.33
C SER A 304 -9.35 -31.61 7.55
N ASP A 305 -9.79 -32.78 7.07
CA ASP A 305 -11.11 -33.27 7.44
C ASP A 305 -11.06 -33.57 8.92
N TYR A 306 -12.17 -33.37 9.62
CA TYR A 306 -12.11 -33.47 11.06
C TYR A 306 -13.48 -33.53 11.72
N GLU A 307 -13.74 -34.63 12.43
CA GLU A 307 -14.94 -34.72 13.24
C GLU A 307 -14.75 -33.81 14.44
N PHE A 308 -15.75 -32.97 14.71
CA PHE A 308 -15.63 -32.01 15.79
C PHE A 308 -16.97 -31.79 16.48
N HIS A 309 -17.02 -32.18 17.76
CA HIS A 309 -18.24 -32.12 18.55
C HIS A 309 -19.42 -32.66 17.75
N GLY A 310 -19.24 -33.85 17.20
CA GLY A 310 -20.28 -34.52 16.43
C GLY A 310 -20.61 -33.89 15.09
N VAL A 311 -19.64 -33.19 14.50
CA VAL A 311 -19.83 -32.55 13.19
C VAL A 311 -18.60 -32.79 12.28
N GLN A 312 -18.87 -33.11 11.03
CA GLN A 312 -17.80 -33.41 10.07
C GLN A 312 -17.44 -32.17 9.27
N LEU A 313 -16.22 -31.67 9.51
CA LEU A 313 -15.65 -30.57 8.75
C LEU A 313 -14.67 -31.12 7.73
N LYS A 314 -14.41 -30.36 6.67
CA LYS A 314 -13.46 -30.77 5.64
C LYS A 314 -12.39 -29.71 5.45
N LYS A 315 -11.27 -30.12 4.86
CA LYS A 315 -10.18 -29.21 4.50
C LYS A 315 -10.72 -28.04 3.68
N GLY A 316 -10.32 -26.82 4.04
CA GLY A 316 -10.80 -25.63 3.34
C GLY A 316 -11.95 -24.90 4.02
N ASP A 317 -12.80 -25.64 4.73
CA ASP A 317 -13.86 -25.06 5.53
C ASP A 317 -13.35 -23.97 6.44
N GLN A 318 -14.08 -22.87 6.48
CA GLN A 318 -13.85 -21.84 7.47
C GLN A 318 -14.86 -21.96 8.59
N ILE A 319 -14.39 -21.75 9.82
CA ILE A 319 -15.25 -21.70 10.99
C ILE A 319 -15.11 -20.35 11.69
N LEU A 320 -16.23 -19.71 12.00
CA LEU A 320 -16.23 -18.49 12.80
C LEU A 320 -16.23 -18.87 14.27
N LEU A 321 -15.37 -18.23 15.03
CA LEU A 321 -15.20 -18.52 16.44
C LEU A 321 -15.28 -17.22 17.22
N PRO A 322 -16.50 -16.68 17.39
CA PRO A 322 -16.75 -15.33 17.92
C PRO A 322 -16.13 -15.13 19.29
N GLN A 323 -15.17 -14.21 19.41
CA GLN A 323 -14.57 -13.92 20.71
C GLN A 323 -15.65 -13.40 21.68
N MET A 324 -16.60 -12.69 21.08
CA MET A 324 -17.73 -12.08 21.77
C MET A 324 -18.62 -13.05 22.55
N LEU A 325 -18.92 -14.22 21.98
CA LEU A 325 -20.00 -15.06 22.52
C LEU A 325 -19.70 -15.82 23.81
N SER A 326 -18.43 -16.09 24.07
CA SER A 326 -18.06 -16.89 25.23
C SER A 326 -18.54 -16.30 26.55
N GLY A 327 -18.29 -15.02 26.76
CA GLY A 327 -18.71 -14.36 27.98
C GLY A 327 -20.23 -14.12 28.05
N LEU A 328 -20.92 -14.22 26.92
CA LEU A 328 -22.36 -13.99 26.89
C LEU A 328 -23.09 -15.32 27.04
N ASP A 329 -22.35 -16.41 26.84
CA ASP A 329 -22.83 -17.77 27.03
C ASP A 329 -23.30 -17.99 28.46
N GLU A 330 -24.61 -18.08 28.68
CA GLU A 330 -25.11 -18.16 30.06
C GLU A 330 -24.65 -19.45 30.73
N ARG A 331 -24.14 -20.38 29.93
CA ARG A 331 -23.49 -21.55 30.47
C ARG A 331 -22.20 -21.17 31.19
N GLU A 332 -21.72 -19.94 30.99
CA GLU A 332 -20.43 -19.50 31.53
C GLU A 332 -20.51 -18.35 32.54
N ASN A 333 -21.56 -17.55 32.45
CA ASN A 333 -21.83 -16.44 33.38
C ASN A 333 -23.34 -16.31 33.53
N ALA A 334 -23.84 -16.48 34.75
CA ALA A 334 -25.26 -16.36 35.02
C ALA A 334 -25.76 -14.94 34.79
N ALA A 335 -26.94 -14.84 34.19
CA ALA A 335 -27.52 -13.55 33.84
C ALA A 335 -26.54 -12.74 33.01
N PRO A 336 -26.14 -13.27 31.84
CA PRO A 336 -25.04 -12.70 31.06
C PRO A 336 -25.24 -11.27 30.56
N MET A 337 -26.47 -10.87 30.26
CA MET A 337 -26.68 -9.51 29.78
C MET A 337 -26.66 -8.52 30.94
N HIS A 338 -26.54 -9.04 32.15
CA HIS A 338 -26.52 -8.20 33.36
C HIS A 338 -25.11 -7.72 33.66
N VAL A 339 -24.97 -6.42 33.86
CA VAL A 339 -23.70 -5.88 34.29
C VAL A 339 -23.63 -5.73 35.80
N ASP A 340 -22.89 -6.64 36.40
CA ASP A 340 -22.67 -6.64 37.84
C ASP A 340 -21.18 -6.48 38.11
N PHE A 341 -20.81 -5.31 38.62
CA PHE A 341 -19.43 -4.96 38.87
C PHE A 341 -18.79 -5.76 40.01
N SER A 342 -19.61 -6.46 40.78
CA SER A 342 -19.15 -7.36 41.82
C SER A 342 -19.24 -8.80 41.40
N ARG A 343 -19.42 -9.05 40.11
CA ARG A 343 -19.51 -10.41 39.59
C ARG A 343 -18.26 -11.24 39.93
N GLN A 344 -18.48 -12.42 40.52
CA GLN A 344 -17.43 -13.16 41.20
C GLN A 344 -16.59 -14.04 40.31
N CYS A 345 -17.19 -14.61 39.27
CA CYS A 345 -16.39 -15.45 38.37
C CYS A 345 -16.59 -15.05 36.91
N VAL A 346 -15.96 -13.95 36.53
CA VAL A 346 -16.07 -13.37 35.19
C VAL A 346 -15.24 -14.16 34.19
N SER A 347 -15.89 -14.81 33.25
CA SER A 347 -15.12 -15.52 32.24
C SER A 347 -15.52 -15.00 30.88
N HIS A 348 -14.54 -14.93 29.98
CA HIS A 348 -14.72 -14.36 28.66
C HIS A 348 -13.52 -14.68 27.80
N THR A 349 -13.64 -14.41 26.50
CA THR A 349 -12.51 -14.52 25.57
C THR A 349 -12.41 -13.25 24.75
N THR A 350 -12.59 -12.12 25.43
CA THR A 350 -12.72 -10.85 24.76
C THR A 350 -11.43 -10.51 24.05
N PHE A 351 -10.31 -10.95 24.62
CA PHE A 351 -8.99 -10.76 24.01
C PHE A 351 -8.60 -11.97 23.19
N GLY A 352 -9.52 -12.91 23.01
CA GLY A 352 -9.25 -14.13 22.27
C GLY A 352 -8.83 -15.25 23.21
N HIS A 353 -8.14 -16.26 22.69
CA HIS A 353 -7.82 -17.49 23.43
C HIS A 353 -6.84 -18.34 22.61
N GLY A 354 -5.94 -19.07 23.28
CA GLY A 354 -4.92 -19.82 22.58
C GLY A 354 -3.70 -18.95 22.36
N SER A 355 -2.81 -19.39 21.47
CA SER A 355 -1.52 -18.70 21.31
C SER A 355 -1.64 -17.29 20.73
N HIS A 356 -2.75 -17.00 20.03
CA HIS A 356 -2.96 -15.66 19.48
C HIS A 356 -3.64 -14.65 20.41
N LEU A 357 -4.01 -15.05 21.63
CA LEU A 357 -4.65 -14.10 22.55
C LEU A 357 -3.90 -12.77 22.54
N CYS A 358 -4.66 -11.69 22.34
CA CYS A 358 -4.17 -10.31 22.18
C CYS A 358 -2.88 -9.90 22.90
N LEU A 359 -1.91 -9.45 22.09
CA LEU A 359 -0.62 -8.93 22.57
C LEU A 359 -0.76 -7.62 23.30
N GLY A 360 -1.80 -6.87 22.97
CA GLY A 360 -2.02 -5.59 23.62
C GLY A 360 -2.93 -5.64 24.83
N GLN A 361 -3.23 -6.84 25.35
CA GLN A 361 -4.26 -7.00 26.38
C GLN A 361 -3.95 -6.15 27.60
N HIS A 362 -2.67 -6.10 27.96
CA HIS A 362 -2.24 -5.35 29.12
C HIS A 362 -2.25 -3.87 28.80
N LEU A 363 -1.87 -3.50 27.58
CA LEU A 363 -1.98 -2.10 27.20
C LEU A 363 -3.46 -1.72 27.13
N ALA A 364 -4.30 -2.61 26.59
CA ALA A 364 -5.71 -2.28 26.44
C ALA A 364 -6.45 -2.19 27.77
N ARG A 365 -6.14 -3.07 28.73
CA ARG A 365 -6.76 -2.96 30.06
C ARG A 365 -6.41 -1.61 30.71
N ARG A 366 -5.16 -1.22 30.55
CA ARG A 366 -4.66 0.01 31.17
C ARG A 366 -5.26 1.25 30.54
N GLU A 367 -5.54 1.20 29.23
CA GLU A 367 -6.22 2.32 28.57
C GLU A 367 -7.67 2.45 29.08
N ILE A 368 -8.32 1.32 29.34
CA ILE A 368 -9.68 1.32 29.85
C ILE A 368 -9.77 1.91 31.27
N ILE A 369 -8.93 1.37 32.16
CA ILE A 369 -8.91 1.69 33.57
C ILE A 369 -8.55 3.17 33.78
N VAL A 370 -7.63 3.68 32.98
CA VAL A 370 -7.26 5.09 33.04
C VAL A 370 -8.36 5.98 32.47
N THR A 371 -8.98 5.56 31.38
CA THR A 371 -10.06 6.36 30.82
C THR A 371 -11.22 6.43 31.80
N LEU A 372 -11.50 5.34 32.49
CA LEU A 372 -12.55 5.36 33.50
C LEU A 372 -12.14 6.16 34.74
N LYS A 373 -10.93 5.92 35.22
CA LYS A 373 -10.49 6.58 36.46
C LYS A 373 -10.38 8.08 36.24
N GLU A 374 -10.02 8.49 35.02
CA GLU A 374 -9.83 9.91 34.70
C GLU A 374 -11.10 10.60 34.22
N TRP A 375 -12.03 9.86 33.63
CA TRP A 375 -13.25 10.50 33.15
C TRP A 375 -14.17 10.81 34.33
N LEU A 376 -14.54 9.77 35.09
CA LEU A 376 -15.45 9.93 36.22
C LEU A 376 -14.87 10.86 37.27
N THR A 377 -13.55 10.88 37.41
CA THR A 377 -12.89 11.81 38.31
C THR A 377 -13.24 13.27 37.99
N ARG A 378 -13.54 13.54 36.73
CA ARG A 378 -13.82 14.91 36.28
C ARG A 378 -15.26 15.12 35.87
N ILE A 379 -15.82 14.18 35.13
CA ILE A 379 -17.18 14.35 34.62
C ILE A 379 -18.07 13.22 35.11
N PRO A 380 -18.39 13.23 36.41
CA PRO A 380 -19.16 12.15 37.03
C PRO A 380 -20.50 11.92 36.36
N ASP A 381 -21.26 12.98 36.14
CA ASP A 381 -22.59 12.83 35.59
C ASP A 381 -22.64 13.29 34.13
N PHE A 382 -23.16 12.42 33.27
CA PHE A 382 -23.32 12.69 31.84
C PHE A 382 -24.35 11.72 31.29
N SER A 383 -24.87 12.01 30.11
CA SER A 383 -25.85 11.11 29.50
C SER A 383 -25.82 11.21 27.97
N ILE A 384 -26.53 10.32 27.31
CA ILE A 384 -26.67 10.34 25.87
C ILE A 384 -27.44 11.58 25.44
N ALA A 385 -27.02 12.17 24.31
CA ALA A 385 -27.73 13.31 23.75
C ALA A 385 -29.22 13.03 23.65
N PRO A 386 -30.05 14.05 23.95
CA PRO A 386 -31.48 13.91 23.76
C PRO A 386 -31.78 13.75 22.27
N GLY A 387 -32.74 12.89 21.95
CA GLY A 387 -33.05 12.58 20.57
C GLY A 387 -31.81 12.08 19.87
N ALA A 388 -31.36 10.88 20.25
CA ALA A 388 -30.12 10.33 19.69
C ALA A 388 -30.28 8.86 19.30
N GLN A 389 -30.25 8.59 18.00
CA GLN A 389 -30.31 7.21 17.53
C GLN A 389 -28.90 6.62 17.43
N ILE A 390 -28.42 6.06 18.55
CA ILE A 390 -27.10 5.44 18.60
C ILE A 390 -27.12 4.09 17.89
N GLN A 391 -26.31 3.97 16.84
CA GLN A 391 -26.33 2.77 16.00
C GLN A 391 -25.07 1.91 16.15
N HIS A 392 -25.26 0.60 16.26
CA HIS A 392 -24.13 -0.33 16.32
C HIS A 392 -23.86 -0.90 14.93
N LYS A 393 -22.60 -1.16 14.61
CA LYS A 393 -22.29 -1.87 13.38
C LYS A 393 -21.71 -3.23 13.70
N SER A 394 -21.90 -4.19 12.80
CA SER A 394 -21.47 -5.55 13.06
C SER A 394 -20.43 -6.03 12.06
N GLY A 395 -19.31 -6.54 12.56
CA GLY A 395 -18.32 -7.14 11.70
C GLY A 395 -17.27 -7.91 12.46
N ILE A 396 -16.04 -7.90 11.94
CA ILE A 396 -14.93 -8.56 12.64
C ILE A 396 -14.66 -7.85 13.96
N VAL A 397 -14.70 -6.53 13.95
CA VAL A 397 -14.70 -5.75 15.17
C VAL A 397 -15.97 -4.91 15.21
N SER A 398 -16.96 -5.37 15.95
CA SER A 398 -18.22 -4.65 15.99
C SER A 398 -18.00 -3.31 16.67
N GLY A 399 -18.85 -2.33 16.40
CA GLY A 399 -18.62 -1.02 16.98
C GLY A 399 -19.82 -0.11 17.12
N VAL A 400 -19.56 1.07 17.67
CA VAL A 400 -20.50 2.17 17.76
C VAL A 400 -20.26 3.21 16.66
N GLN A 401 -21.31 3.68 15.99
CA GLN A 401 -21.17 4.69 14.93
C GLN A 401 -20.74 6.05 15.49
N ALA A 402 -21.45 6.50 16.50
CA ALA A 402 -21.13 7.76 17.15
C ALA A 402 -21.74 7.73 18.54
N LEU A 403 -21.20 8.54 19.44
CA LEU A 403 -21.68 8.60 20.81
C LEU A 403 -21.85 10.06 21.23
N PRO A 404 -22.95 10.70 20.79
CA PRO A 404 -23.12 12.06 21.28
C PRO A 404 -23.44 12.03 22.76
N LEU A 405 -22.61 12.66 23.57
CA LEU A 405 -22.87 12.71 24.99
C LEU A 405 -23.23 14.13 25.36
N VAL A 406 -23.95 14.28 26.46
CA VAL A 406 -24.33 15.60 26.93
C VAL A 406 -24.18 15.65 28.44
N TRP A 407 -23.77 16.80 28.97
CA TRP A 407 -23.74 16.96 30.41
C TRP A 407 -23.75 18.43 30.85
N ASP A 408 -23.97 18.65 32.15
CA ASP A 408 -23.93 19.99 32.69
C ASP A 408 -22.55 20.29 33.23
N PRO A 409 -21.91 21.36 32.73
CA PRO A 409 -20.59 21.82 33.16
C PRO A 409 -20.47 22.07 34.68
N ALA A 410 -21.55 22.48 35.33
CA ALA A 410 -21.48 22.77 36.75
C ALA A 410 -21.47 21.49 37.59
N THR A 411 -21.62 20.34 36.95
CA THR A 411 -21.64 19.06 37.67
C THR A 411 -20.29 18.36 37.64
N THR A 412 -19.32 19.01 37.01
CA THR A 412 -18.02 18.41 36.82
C THR A 412 -17.01 18.85 37.88
N LYS A 413 -15.73 18.70 37.56
CA LYS A 413 -14.65 19.01 38.49
C LYS A 413 -13.29 18.84 37.80
N ALA A 414 -12.71 19.95 37.37
CA ALA A 414 -11.39 19.91 36.75
C ALA A 414 -10.33 19.57 37.80
N VAL A 415 -9.36 18.76 37.40
CA VAL A 415 -8.21 18.51 38.25
C VAL A 415 -6.93 18.52 37.41
N ASN B 11 29.76 13.62 -2.23
CA ASN B 11 30.54 14.62 -2.95
C ASN B 11 29.69 15.81 -3.40
N LEU B 12 29.55 16.82 -2.53
CA LEU B 12 28.83 18.04 -2.88
C LEU B 12 29.71 19.03 -3.61
N ALA B 13 29.16 19.66 -4.65
CA ALA B 13 29.90 20.70 -5.38
C ALA B 13 29.85 22.04 -4.65
N PRO B 14 30.97 22.77 -4.66
CA PRO B 14 31.04 24.14 -4.15
C PRO B 14 29.84 24.97 -4.59
N LEU B 15 29.32 25.83 -3.73
CA LEU B 15 28.14 26.60 -4.09
C LEU B 15 28.53 27.76 -5.00
N PRO B 16 27.88 27.86 -6.17
CA PRO B 16 28.13 29.01 -7.05
C PRO B 16 27.62 30.30 -6.45
N PRO B 17 28.43 31.38 -6.51
CA PRO B 17 28.14 32.68 -5.90
C PRO B 17 26.72 33.17 -6.14
N HIS B 18 26.17 32.89 -7.32
CA HIS B 18 24.85 33.40 -7.70
C HIS B 18 23.68 32.61 -7.11
N VAL B 19 23.96 31.54 -6.38
CA VAL B 19 22.89 30.73 -5.81
C VAL B 19 22.67 31.04 -4.32
N PRO B 20 21.48 31.58 -4.00
CA PRO B 20 21.11 31.92 -2.61
C PRO B 20 21.11 30.67 -1.72
N GLU B 21 21.73 30.77 -0.55
CA GLU B 21 21.86 29.61 0.32
C GLU B 21 20.50 29.03 0.72
N HIS B 22 19.50 29.89 0.86
CA HIS B 22 18.18 29.47 1.29
C HIS B 22 17.45 28.60 0.27
N LEU B 23 17.91 28.58 -0.98
CA LEU B 23 17.30 27.71 -1.99
C LEU B 23 18.06 26.41 -2.18
N VAL B 24 19.11 26.21 -1.39
CA VAL B 24 19.87 24.96 -1.45
C VAL B 24 19.16 23.86 -0.68
N PHE B 25 18.71 22.85 -1.43
CA PHE B 25 18.07 21.66 -0.91
C PHE B 25 18.72 20.47 -1.61
N ASP B 26 19.50 19.69 -0.86
CA ASP B 26 20.45 18.77 -1.46
C ASP B 26 19.88 17.37 -1.77
N PHE B 27 19.16 17.30 -2.87
CA PHE B 27 18.58 16.09 -3.40
C PHE B 27 19.57 15.37 -4.34
N ASP B 28 19.81 14.09 -4.09
CA ASP B 28 20.71 13.28 -4.91
C ASP B 28 19.87 12.40 -5.80
N MET B 29 19.71 12.78 -7.06
CA MET B 29 18.79 12.05 -7.94
C MET B 29 19.25 10.59 -8.16
N TYR B 30 20.46 10.25 -7.73
CA TYR B 30 20.91 8.89 -7.94
C TYR B 30 20.77 8.07 -6.68
N ASN B 31 20.48 8.74 -5.57
CA ASN B 31 20.40 8.05 -4.30
C ASN B 31 19.55 8.82 -3.29
N PRO B 32 18.26 8.96 -3.57
CA PRO B 32 17.45 9.78 -2.67
C PRO B 32 17.14 9.05 -1.36
N SER B 33 16.81 9.83 -0.33
CA SER B 33 16.83 9.33 1.05
C SER B 33 15.70 8.40 1.51
N ASN B 34 14.51 8.47 0.92
CA ASN B 34 13.45 7.54 1.37
C ASN B 34 13.15 6.55 0.30
N LEU B 35 14.22 6.09 -0.34
CA LEU B 35 14.14 5.20 -1.49
C LEU B 35 13.35 3.89 -1.20
N SER B 36 13.49 3.35 0.01
CA SER B 36 12.84 2.07 0.33
C SER B 36 11.31 2.15 0.39
N ALA B 37 10.76 3.36 0.36
CA ALA B 37 9.31 3.53 0.31
C ALA B 37 8.80 3.45 -1.13
N GLY B 38 9.72 3.59 -2.08
CA GLY B 38 9.38 3.63 -3.49
C GLY B 38 10.08 4.83 -4.08
N VAL B 39 10.47 4.77 -5.35
CA VAL B 39 11.25 5.86 -5.91
C VAL B 39 10.37 7.09 -6.15
N GLN B 40 9.13 6.89 -6.62
CA GLN B 40 8.22 8.02 -6.83
C GLN B 40 8.02 8.74 -5.52
N GLU B 41 7.79 7.97 -4.45
CA GLU B 41 7.66 8.51 -3.08
C GLU B 41 8.91 9.28 -2.64
N ALA B 42 10.07 8.68 -2.91
CA ALA B 42 11.36 9.29 -2.64
C ALA B 42 11.50 10.67 -3.27
N TRP B 43 11.04 10.78 -4.52
CA TRP B 43 11.15 12.02 -5.28
C TRP B 43 10.07 12.98 -4.83
N ALA B 44 8.95 12.44 -4.38
CA ALA B 44 7.83 13.25 -3.94
C ALA B 44 8.17 14.22 -2.79
N VAL B 45 9.32 14.02 -2.13
CA VAL B 45 9.69 14.94 -1.04
C VAL B 45 9.96 16.34 -1.59
N LEU B 46 10.44 16.42 -2.83
CA LEU B 46 10.64 17.70 -3.50
C LEU B 46 9.36 18.55 -3.53
N GLN B 47 8.22 17.92 -3.24
CA GLN B 47 6.95 18.62 -3.32
C GLN B 47 6.25 18.81 -1.97
N GLU B 48 6.95 18.53 -0.88
CA GLU B 48 6.39 18.80 0.43
C GLU B 48 6.21 20.30 0.57
N SER B 49 5.33 20.71 1.48
CA SER B 49 4.89 22.10 1.57
C SER B 49 6.00 23.13 1.75
N ASN B 50 7.03 22.77 2.50
CA ASN B 50 8.15 23.67 2.82
C ASN B 50 9.20 23.86 1.70
N VAL B 51 8.97 23.29 0.52
CA VAL B 51 9.98 23.31 -0.53
C VAL B 51 9.55 24.20 -1.69
N PRO B 52 10.41 25.17 -2.06
CA PRO B 52 10.13 26.08 -3.17
C PRO B 52 9.99 25.36 -4.51
N ASP B 53 9.40 26.06 -5.48
CA ASP B 53 9.15 25.54 -6.82
C ASP B 53 10.45 25.34 -7.59
N LEU B 54 11.54 25.82 -7.02
CA LEU B 54 12.80 25.87 -7.76
C LEU B 54 13.93 25.84 -6.77
N VAL B 55 14.67 24.73 -6.75
CA VAL B 55 15.76 24.59 -5.79
C VAL B 55 17.09 24.24 -6.47
N TRP B 56 18.18 24.57 -5.80
CA TRP B 56 19.52 24.16 -6.19
C TRP B 56 19.97 23.00 -5.32
N THR B 57 20.32 21.88 -5.93
CA THR B 57 21.01 20.83 -5.17
C THR B 57 22.50 20.90 -5.47
N ARG B 58 23.31 20.80 -4.42
CA ARG B 58 24.75 20.71 -4.62
C ARG B 58 25.20 19.33 -5.10
N SER B 59 24.27 18.37 -5.21
CA SER B 59 24.60 17.01 -5.63
C SER B 59 24.88 16.86 -7.10
N ASN B 60 25.64 15.80 -7.40
CA ASN B 60 25.91 15.41 -8.78
C ASN B 60 26.38 16.58 -9.64
N GLY B 61 27.17 17.46 -9.05
CA GLY B 61 27.81 18.54 -9.77
C GLY B 61 27.21 19.90 -9.50
N GLY B 62 25.99 19.91 -8.97
CA GLY B 62 25.30 21.17 -8.73
C GLY B 62 24.32 21.46 -9.86
N HIS B 63 23.03 21.54 -9.54
CA HIS B 63 22.02 21.81 -10.55
C HIS B 63 20.68 22.24 -9.95
N TRP B 64 19.90 22.95 -10.76
CA TRP B 64 18.55 23.37 -10.40
C TRP B 64 17.55 22.20 -10.50
N ILE B 65 16.52 22.24 -9.66
CA ILE B 65 15.39 21.32 -9.83
C ILE B 65 14.12 22.17 -9.89
N ALA B 66 13.39 22.11 -11.00
CA ALA B 66 12.03 22.62 -11.01
C ALA B 66 11.19 21.51 -10.40
N THR B 67 10.38 21.83 -9.39
CA THR B 67 9.71 20.77 -8.64
C THR B 67 8.22 20.63 -8.92
N ARG B 68 7.65 21.53 -9.73
CA ARG B 68 6.20 21.54 -9.97
C ARG B 68 5.82 21.36 -11.45
N GLY B 69 4.63 20.82 -11.70
CA GLY B 69 4.14 20.57 -13.05
C GLY B 69 4.25 21.78 -13.96
N GLN B 70 3.78 22.90 -13.47
CA GLN B 70 3.75 24.16 -14.21
C GLN B 70 5.15 24.60 -14.69
N LEU B 71 6.13 24.55 -13.80
CA LEU B 71 7.48 24.99 -14.12
C LEU B 71 8.14 24.03 -15.09
N ILE B 72 7.86 22.75 -14.94
CA ILE B 72 8.42 21.74 -15.80
C ILE B 72 7.83 21.84 -17.21
N ARG B 73 6.52 22.06 -17.32
CA ARG B 73 5.91 22.21 -18.63
C ARG B 73 6.47 23.46 -19.30
N GLU B 74 6.40 24.58 -18.59
CA GLU B 74 6.88 25.87 -19.10
C GLU B 74 8.32 25.79 -19.59
N ALA B 75 9.21 25.22 -18.79
CA ALA B 75 10.62 25.18 -19.20
C ALA B 75 10.81 24.29 -20.45
N TYR B 76 10.07 23.19 -20.54
CA TYR B 76 10.15 22.30 -21.71
C TYR B 76 9.53 22.93 -22.96
N GLU B 77 8.72 23.98 -22.78
CA GLU B 77 8.16 24.71 -23.91
C GLU B 77 9.09 25.84 -24.42
N ASP B 78 10.29 25.93 -23.86
CA ASP B 78 11.16 27.09 -24.08
C ASP B 78 12.60 26.63 -24.37
N TYR B 79 12.83 25.95 -25.49
CA TYR B 79 14.20 25.52 -25.80
C TYR B 79 15.14 26.72 -26.09
N ARG B 80 14.59 27.90 -26.38
CA ARG B 80 15.45 29.05 -26.64
C ARG B 80 16.31 29.39 -25.39
N HIS B 81 15.73 29.25 -24.19
CA HIS B 81 16.47 29.36 -22.93
C HIS B 81 16.91 27.99 -22.38
N PHE B 82 16.12 26.96 -22.65
CA PHE B 82 16.35 25.65 -22.03
C PHE B 82 16.68 24.65 -23.08
N SER B 83 17.98 24.53 -23.35
CA SER B 83 18.49 23.82 -24.52
C SER B 83 18.72 22.35 -24.23
N SER B 84 18.41 21.53 -25.24
CA SER B 84 18.65 20.09 -25.17
C SER B 84 20.12 19.68 -25.36
N GLU B 85 20.99 20.65 -25.61
CA GLU B 85 22.41 20.36 -25.88
C GLU B 85 23.10 19.59 -24.76
N SER B 86 22.62 19.77 -23.53
CA SER B 86 23.11 18.98 -22.40
C SER B 86 21.95 18.49 -21.53
N PRO B 87 21.31 17.37 -21.89
CA PRO B 87 20.06 17.04 -21.18
C PRO B 87 20.20 16.08 -19.99
N PHE B 88 21.43 15.85 -19.51
CA PHE B 88 21.63 14.86 -18.45
C PHE B 88 22.44 15.42 -17.30
N ILE B 89 21.94 15.22 -16.08
CA ILE B 89 22.76 15.50 -14.91
C ILE B 89 23.37 14.18 -14.49
N PRO B 90 24.70 14.14 -14.23
CA PRO B 90 25.71 15.20 -14.37
C PRO B 90 26.16 15.47 -15.82
N ARG B 91 27.00 16.47 -16.02
CA ARG B 91 27.45 16.89 -17.35
C ARG B 91 28.16 15.79 -18.16
N GLU B 92 29.04 15.03 -17.51
CA GLU B 92 29.79 13.95 -18.16
C GLU B 92 28.87 12.96 -18.89
N ALA B 93 27.91 12.40 -18.16
CA ALA B 93 26.83 11.64 -18.80
C ALA B 93 26.23 12.43 -19.96
N ALA B 96 29.02 12.11 -23.01
CA ALA B 96 29.51 11.40 -24.19
C ALA B 96 28.41 10.51 -24.78
N TYR B 97 27.17 10.97 -24.59
CA TYR B 97 25.97 10.33 -25.08
C TYR B 97 25.51 11.09 -26.33
N ASP B 98 25.75 10.53 -27.50
CA ASP B 98 25.55 11.30 -28.73
C ASP B 98 24.44 10.78 -29.64
N PHE B 99 23.53 10.00 -29.08
CA PHE B 99 22.32 9.57 -29.82
C PHE B 99 21.51 10.77 -30.32
N ILE B 100 20.74 10.54 -31.38
CA ILE B 100 20.01 11.56 -32.12
C ILE B 100 18.54 11.19 -32.07
N PRO B 101 17.66 12.14 -31.77
CA PRO B 101 17.86 13.60 -31.72
C PRO B 101 17.80 14.21 -30.32
N THR B 102 17.96 13.38 -29.29
CA THR B 102 18.07 13.78 -27.89
C THR B 102 18.70 15.15 -27.61
N SER B 103 19.84 15.39 -28.24
CA SER B 103 20.63 16.58 -27.92
C SER B 103 20.38 17.76 -28.85
N MET B 104 19.51 17.60 -29.84
CA MET B 104 19.22 18.67 -30.80
C MET B 104 18.00 19.51 -30.47
N ASP B 105 18.10 20.81 -30.71
CA ASP B 105 16.96 21.68 -30.69
C ASP B 105 16.43 21.81 -32.13
N PRO B 106 15.17 22.25 -32.30
CA PRO B 106 14.65 22.58 -33.64
C PRO B 106 15.37 23.79 -34.26
N PRO B 107 15.38 23.94 -35.60
CA PRO B 107 14.75 23.13 -36.65
C PRO B 107 15.38 21.76 -36.90
N GLU B 108 16.65 21.56 -36.55
CA GLU B 108 17.32 20.33 -36.94
C GLU B 108 16.65 19.09 -36.36
N GLN B 109 16.40 19.08 -35.04
CA GLN B 109 15.65 18.01 -34.38
C GLN B 109 14.45 17.55 -35.18
N ARG B 110 13.69 18.52 -35.68
CA ARG B 110 12.43 18.26 -36.34
C ARG B 110 12.56 17.33 -37.55
N GLN B 111 13.63 17.51 -38.33
CA GLN B 111 13.98 16.61 -39.45
C GLN B 111 14.12 15.15 -39.06
N PHE B 112 14.83 14.90 -37.97
CA PHE B 112 14.99 13.53 -37.50
C PHE B 112 13.71 12.95 -36.92
N ARG B 113 12.86 13.80 -36.37
CA ARG B 113 11.60 13.31 -35.77
C ARG B 113 10.67 12.88 -36.87
N ALA B 114 10.72 13.63 -37.99
CA ALA B 114 9.93 13.29 -39.15
C ALA B 114 10.32 11.90 -39.63
N LEU B 115 11.61 11.61 -39.64
CA LEU B 115 12.03 10.32 -40.17
C LEU B 115 11.70 9.19 -39.20
N ALA B 116 12.00 9.37 -37.92
CA ALA B 116 11.60 8.44 -36.85
C ALA B 116 10.10 8.07 -36.92
N ASN B 117 9.26 9.04 -37.25
CA ASN B 117 7.82 8.86 -37.26
C ASN B 117 7.40 7.89 -38.36
N GLN B 118 8.16 7.84 -39.45
CA GLN B 118 7.96 6.81 -40.46
C GLN B 118 8.16 5.40 -39.95
N VAL B 119 8.84 5.28 -38.83
CA VAL B 119 9.31 4.00 -38.35
C VAL B 119 8.60 3.53 -37.05
N VAL B 120 8.09 4.47 -36.27
CA VAL B 120 7.59 4.12 -34.95
C VAL B 120 6.26 4.86 -34.68
N GLY B 121 5.76 5.53 -35.73
CA GLY B 121 4.54 6.30 -35.66
C GLY B 121 3.29 5.44 -35.50
N MET B 122 2.15 6.07 -35.21
CA MET B 122 0.91 5.32 -34.93
C MET B 122 0.54 4.29 -36.02
N PRO B 123 0.70 4.63 -37.33
CA PRO B 123 0.31 3.59 -38.29
C PRO B 123 1.19 2.34 -38.25
N VAL B 124 2.40 2.47 -37.73
CA VAL B 124 3.30 1.34 -37.66
C VAL B 124 2.90 0.46 -36.48
N VAL B 125 2.65 1.10 -35.35
CA VAL B 125 2.19 0.39 -34.18
C VAL B 125 0.91 -0.41 -34.46
N ASP B 126 -0.04 0.17 -35.19
CA ASP B 126 -1.28 -0.53 -35.51
C ASP B 126 -1.00 -1.76 -36.36
N LYS B 127 -0.07 -1.64 -37.30
CA LYS B 127 0.35 -2.75 -38.15
C LYS B 127 1.04 -3.87 -37.37
N LEU B 128 1.81 -3.51 -36.35
CA LEU B 128 2.57 -4.48 -35.56
C LEU B 128 1.79 -5.09 -34.37
N GLU B 129 0.62 -4.57 -34.10
CA GLU B 129 -0.07 -4.89 -32.86
C GLU B 129 -0.34 -6.37 -32.70
N ASN B 130 -0.97 -7.00 -33.69
CA ASN B 130 -1.15 -8.45 -33.65
C ASN B 130 0.15 -9.22 -33.37
N ARG B 131 1.27 -8.81 -33.94
CA ARG B 131 2.50 -9.53 -33.66
C ARG B 131 3.03 -9.25 -32.26
N ILE B 132 2.89 -8.02 -31.79
CA ILE B 132 3.26 -7.69 -30.41
C ILE B 132 2.45 -8.57 -29.47
N GLN B 133 1.15 -8.64 -29.72
CA GLN B 133 0.27 -9.49 -28.95
C GLN B 133 0.80 -10.92 -28.94
N GLU B 134 1.15 -11.43 -30.12
CA GLU B 134 1.74 -12.77 -30.23
C GLU B 134 3.00 -12.91 -29.38
N LEU B 135 3.82 -11.88 -29.38
CA LEU B 135 5.02 -11.83 -28.55
C LEU B 135 4.68 -11.92 -27.06
N ALA B 136 3.74 -11.09 -26.61
CA ALA B 136 3.38 -11.08 -25.21
C ALA B 136 2.82 -12.43 -24.78
N SER B 137 1.88 -12.97 -25.55
CA SER B 137 1.26 -14.26 -25.26
C SER B 137 2.28 -15.41 -25.14
N SER B 138 3.13 -15.53 -26.16
CA SER B 138 4.17 -16.53 -26.20
C SER B 138 5.03 -16.50 -24.92
N LEU B 139 5.50 -15.31 -24.54
CA LEU B 139 6.32 -15.19 -23.34
C LEU B 139 5.53 -15.58 -22.07
N ILE B 140 4.33 -15.02 -21.91
CA ILE B 140 3.56 -15.21 -20.69
C ILE B 140 3.16 -16.68 -20.56
N GLU B 141 2.82 -17.31 -21.68
CA GLU B 141 2.40 -18.71 -21.64
C GLU B 141 3.55 -19.59 -21.14
N SER B 142 4.78 -19.22 -21.47
CA SER B 142 5.91 -20.05 -21.08
C SER B 142 6.16 -19.96 -19.58
N LEU B 143 5.83 -18.80 -18.99
CA LEU B 143 5.91 -18.59 -17.55
C LEU B 143 4.71 -19.19 -16.80
N ARG B 144 3.52 -19.01 -17.36
CA ARG B 144 2.29 -19.41 -16.66
C ARG B 144 2.35 -20.71 -15.83
N PRO B 145 2.87 -21.82 -16.38
CA PRO B 145 2.71 -23.03 -15.55
C PRO B 145 3.73 -23.20 -14.41
N GLN B 146 4.76 -22.36 -14.38
CA GLN B 146 5.77 -22.38 -13.32
C GLN B 146 5.22 -21.94 -11.97
N GLY B 147 4.41 -20.89 -11.97
CA GLY B 147 3.87 -20.34 -10.73
C GLY B 147 4.82 -19.34 -10.10
N GLN B 148 5.80 -18.93 -10.90
CA GLN B 148 6.83 -18.00 -10.44
C GLN B 148 7.71 -17.53 -11.60
N CYS B 149 8.18 -16.29 -11.49
CA CYS B 149 9.14 -15.74 -12.42
C CYS B 149 9.84 -14.58 -11.74
N ASN B 150 10.95 -14.12 -12.30
CA ASN B 150 11.35 -12.74 -12.08
C ASN B 150 10.79 -11.99 -13.25
N PHE B 151 9.69 -11.27 -13.01
CA PHE B 151 9.01 -10.56 -14.07
C PHE B 151 9.99 -9.67 -14.84
N THR B 152 10.84 -8.97 -14.10
CA THR B 152 11.83 -8.09 -14.67
C THR B 152 12.74 -8.75 -15.71
N GLU B 153 13.25 -9.94 -15.37
CA GLU B 153 14.15 -10.64 -16.30
C GLU B 153 13.39 -11.54 -17.29
N ASP B 154 12.26 -12.10 -16.87
CA ASP B 154 11.54 -13.07 -17.70
C ASP B 154 10.52 -12.49 -18.67
N TYR B 155 9.92 -11.35 -18.36
CA TYR B 155 9.04 -10.76 -19.35
C TYR B 155 9.49 -9.35 -19.72
N ALA B 156 9.81 -8.54 -18.71
CA ALA B 156 9.96 -7.12 -18.91
C ALA B 156 11.12 -6.79 -19.86
N GLU B 157 12.22 -7.53 -19.77
CA GLU B 157 13.39 -7.33 -20.65
C GLU B 157 13.27 -8.01 -22.02
N PRO B 158 12.94 -9.32 -22.06
CA PRO B 158 12.91 -9.91 -23.41
C PRO B 158 11.83 -9.30 -24.31
N PHE B 159 10.76 -8.76 -23.73
CA PHE B 159 9.61 -8.26 -24.50
C PHE B 159 9.95 -7.05 -25.42
N PRO B 160 10.43 -5.91 -24.88
CA PRO B 160 10.78 -4.81 -25.77
C PRO B 160 12.00 -5.07 -26.70
N ILE B 161 13.00 -5.82 -26.24
CA ILE B 161 14.14 -6.07 -27.11
C ILE B 161 13.65 -6.91 -28.28
N ARG B 162 12.76 -7.83 -28.04
CA ARG B 162 12.31 -8.70 -29.10
C ARG B 162 11.44 -7.97 -30.13
N ILE B 163 10.65 -7.02 -29.64
CA ILE B 163 9.89 -6.11 -30.49
C ILE B 163 10.81 -5.23 -31.34
N PHE B 164 11.94 -4.79 -30.79
CA PHE B 164 12.89 -4.05 -31.60
C PHE B 164 13.39 -4.86 -32.80
N MET B 165 13.63 -6.15 -32.59
CA MET B 165 14.12 -7.01 -33.66
C MET B 165 13.09 -7.11 -34.75
N LEU B 166 11.83 -7.17 -34.34
CA LEU B 166 10.72 -7.15 -35.26
C LEU B 166 10.72 -5.84 -36.04
N LEU B 167 10.80 -4.75 -35.31
CA LEU B 167 10.72 -3.42 -35.91
C LEU B 167 11.90 -3.18 -36.84
N ALA B 168 13.08 -3.59 -36.40
CA ALA B 168 14.32 -3.31 -37.12
C ALA B 168 14.58 -4.34 -38.20
N GLY B 169 13.82 -5.41 -38.23
CA GLY B 169 14.11 -6.51 -39.15
C GLY B 169 15.43 -7.22 -38.89
N LEU B 170 15.73 -7.48 -37.62
CA LEU B 170 16.98 -8.12 -37.20
C LEU B 170 16.74 -9.54 -36.68
N PRO B 171 17.69 -10.46 -36.92
CA PRO B 171 17.49 -11.88 -36.64
C PRO B 171 17.48 -12.21 -35.15
N GLU B 172 16.71 -13.23 -34.79
CA GLU B 172 16.53 -13.61 -33.38
C GLU B 172 17.87 -13.88 -32.68
N GLU B 173 18.82 -14.48 -33.40
CA GLU B 173 20.06 -14.90 -32.76
C GLU B 173 20.97 -13.73 -32.38
N ASP B 174 20.68 -12.54 -32.89
CA ASP B 174 21.46 -11.35 -32.52
C ASP B 174 21.05 -10.79 -31.17
N ILE B 175 20.04 -11.38 -30.55
CA ILE B 175 19.52 -10.77 -29.32
C ILE B 175 20.51 -10.82 -28.15
N PRO B 176 21.25 -11.92 -27.97
CA PRO B 176 22.15 -11.89 -26.80
C PRO B 176 23.25 -10.84 -26.88
N HIS B 177 23.88 -10.70 -28.05
CA HIS B 177 24.86 -9.64 -28.28
C HIS B 177 24.25 -8.28 -27.92
N LEU B 178 23.07 -8.00 -28.46
CA LEU B 178 22.45 -6.70 -28.21
C LEU B 178 21.98 -6.52 -26.76
N LYS B 179 21.48 -7.58 -26.13
CA LYS B 179 21.11 -7.48 -24.71
C LYS B 179 22.37 -7.24 -23.89
N TYR B 180 23.45 -7.94 -24.23
CA TYR B 180 24.69 -7.74 -23.53
C TYR B 180 25.15 -6.28 -23.62
N LEU B 181 25.22 -5.77 -24.84
CA LEU B 181 25.61 -4.38 -25.11
C LEU B 181 24.73 -3.32 -24.44
N THR B 182 23.42 -3.43 -24.62
CA THR B 182 22.56 -2.50 -23.93
C THR B 182 22.60 -2.71 -22.40
N ASP B 183 22.83 -3.94 -21.94
CA ASP B 183 23.03 -4.16 -20.51
C ASP B 183 24.24 -3.41 -20.01
N GLN B 184 25.34 -3.43 -20.77
CA GLN B 184 26.53 -2.73 -20.30
C GLN B 184 26.35 -1.22 -20.29
N MET B 185 25.55 -0.73 -21.21
CA MET B 185 25.25 0.71 -21.27
C MET B 185 24.36 1.13 -20.11
N THR B 186 23.34 0.31 -19.85
CA THR B 186 22.37 0.50 -18.77
C THR B 186 23.03 0.34 -17.41
N ARG B 187 23.58 -0.83 -17.18
CA ARG B 187 24.17 -1.18 -15.90
C ARG B 187 25.61 -1.55 -16.12
N PRO B 188 26.50 -0.54 -16.13
CA PRO B 188 27.94 -0.75 -16.27
C PRO B 188 28.46 -1.74 -15.23
N ASP B 189 29.67 -2.23 -15.46
CA ASP B 189 30.01 -3.53 -14.92
C ASP B 189 31.45 -3.60 -14.43
N GLY B 190 32.36 -3.15 -15.29
CA GLY B 190 33.78 -3.28 -15.04
C GLY B 190 34.36 -4.18 -16.09
N SER B 191 33.48 -4.68 -16.97
CA SER B 191 33.91 -5.51 -18.09
C SER B 191 33.88 -4.71 -19.40
N MET B 192 33.29 -3.51 -19.34
CA MET B 192 33.09 -2.71 -20.53
C MET B 192 32.55 -1.32 -20.19
N THR B 193 33.30 -0.29 -20.56
CA THR B 193 32.83 1.09 -20.45
C THR B 193 31.66 1.40 -21.38
N PHE B 194 30.93 2.45 -21.04
CA PHE B 194 29.79 2.90 -21.84
C PHE B 194 30.18 3.17 -23.27
N ALA B 195 31.29 3.90 -23.45
CA ALA B 195 31.82 4.31 -24.76
C ALA B 195 32.08 3.10 -25.63
N GLU B 196 32.72 2.10 -25.05
CA GLU B 196 32.93 0.82 -25.71
C GLU B 196 31.64 0.14 -26.10
N ALA B 197 30.67 0.12 -25.19
CA ALA B 197 29.41 -0.58 -25.45
C ALA B 197 28.64 0.16 -26.49
N LYS B 198 28.68 1.48 -26.40
CA LYS B 198 28.00 2.30 -27.37
C LYS B 198 28.65 2.21 -28.77
N GLU B 199 30.00 2.18 -28.83
CA GLU B 199 30.61 2.05 -30.14
C GLU B 199 30.35 0.66 -30.71
N ALA B 200 30.27 -0.34 -29.82
CA ALA B 200 29.99 -1.69 -30.29
C ALA B 200 28.58 -1.73 -30.90
N LEU B 201 27.63 -1.03 -30.26
CA LEU B 201 26.27 -0.94 -30.81
C LEU B 201 26.29 -0.26 -32.19
N TYR B 202 27.00 0.84 -32.31
CA TYR B 202 27.12 1.52 -33.60
C TYR B 202 27.78 0.68 -34.67
N ASP B 203 28.78 -0.11 -34.25
CA ASP B 203 29.55 -0.91 -35.17
C ASP B 203 28.75 -2.07 -35.68
N TYR B 204 27.85 -2.56 -34.85
CA TYR B 204 26.94 -3.61 -35.24
C TYR B 204 25.93 -3.04 -36.26
N LEU B 205 25.47 -1.82 -36.02
CA LEU B 205 24.46 -1.21 -36.89
C LEU B 205 24.99 -0.75 -38.24
N ILE B 206 26.13 -0.10 -38.24
CA ILE B 206 26.59 0.59 -39.46
C ILE B 206 26.78 -0.33 -40.70
N PRO B 207 27.09 -1.63 -40.53
CA PRO B 207 27.07 -2.42 -41.77
C PRO B 207 25.67 -2.71 -42.28
N ILE B 208 24.74 -2.90 -41.36
CA ILE B 208 23.35 -3.18 -41.73
C ILE B 208 22.73 -1.97 -42.40
N ILE B 209 23.02 -0.80 -41.85
CA ILE B 209 22.58 0.48 -42.41
C ILE B 209 23.10 0.67 -43.83
N GLU B 210 24.38 0.36 -44.06
CA GLU B 210 24.98 0.53 -45.40
C GLU B 210 24.45 -0.51 -46.38
N GLN B 211 24.37 -1.78 -45.97
CA GLN B 211 23.71 -2.79 -46.80
C GLN B 211 22.30 -2.34 -47.22
N ARG B 212 21.55 -1.79 -46.28
CA ARG B 212 20.15 -1.54 -46.56
C ARG B 212 19.92 -0.21 -47.27
N ARG B 213 20.88 0.70 -47.22
CA ARG B 213 20.73 1.91 -48.03
C ARG B 213 20.83 1.53 -49.51
N GLN B 214 21.55 0.46 -49.80
CA GLN B 214 21.68 0.02 -51.18
C GLN B 214 20.60 -0.99 -51.57
N LYS B 215 20.28 -1.89 -50.63
CA LYS B 215 19.29 -2.94 -50.81
C LYS B 215 18.19 -2.86 -49.72
N PRO B 216 17.32 -1.84 -49.81
CA PRO B 216 16.30 -1.58 -48.78
C PRO B 216 15.16 -2.59 -48.74
N GLY B 217 14.65 -2.88 -47.54
CA GLY B 217 13.43 -3.63 -47.36
C GLY B 217 12.41 -2.75 -46.69
N THR B 218 11.53 -3.32 -45.89
CA THR B 218 10.46 -2.54 -45.27
C THR B 218 10.73 -2.19 -43.80
N ASP B 219 11.84 -2.70 -43.27
CA ASP B 219 12.13 -2.53 -41.84
C ASP B 219 12.54 -1.12 -41.46
N ALA B 220 12.57 -0.88 -40.15
CA ALA B 220 12.99 0.39 -39.59
C ALA B 220 14.36 0.84 -40.10
N ILE B 221 15.33 -0.07 -40.14
CA ILE B 221 16.66 0.34 -40.53
C ILE B 221 16.71 0.77 -42.01
N SER B 222 16.13 -0.02 -42.91
CA SER B 222 16.09 0.34 -44.33
C SER B 222 15.54 1.75 -44.52
N ILE B 223 14.39 2.01 -43.89
CA ILE B 223 13.72 3.30 -44.01
C ILE B 223 14.58 4.44 -43.47
N VAL B 224 15.09 4.27 -42.25
CA VAL B 224 15.94 5.28 -41.69
C VAL B 224 17.20 5.48 -42.56
N ALA B 225 17.78 4.39 -43.06
CA ALA B 225 18.99 4.53 -43.84
C ALA B 225 18.75 5.29 -45.16
N ASN B 226 17.55 5.16 -45.71
CA ASN B 226 17.20 5.86 -46.94
C ASN B 226 16.60 7.24 -46.76
N GLY B 227 16.42 7.65 -45.51
CA GLY B 227 15.80 8.93 -45.24
C GLY B 227 16.61 10.12 -45.67
N GLN B 228 15.93 11.25 -45.71
CA GLN B 228 16.57 12.52 -45.96
C GLN B 228 16.46 13.41 -44.71
N VAL B 229 17.46 14.24 -44.50
CA VAL B 229 17.45 15.15 -43.38
C VAL B 229 18.16 16.43 -43.80
N ASN B 230 17.55 17.58 -43.50
CA ASN B 230 18.13 18.88 -43.82
C ASN B 230 18.24 19.06 -45.32
N GLY B 231 17.56 18.21 -46.06
CA GLY B 231 17.46 18.32 -47.51
C GLY B 231 18.63 17.69 -48.22
N ARG B 232 19.21 16.65 -47.62
CA ARG B 232 20.21 15.80 -48.27
C ARG B 232 20.05 14.43 -47.64
N PRO B 233 20.72 13.40 -48.19
CA PRO B 233 20.58 12.10 -47.53
C PRO B 233 21.16 12.11 -46.14
N ILE B 234 20.57 11.28 -45.28
CA ILE B 234 21.08 11.13 -43.92
C ILE B 234 22.45 10.46 -43.95
N THR B 235 23.42 10.90 -43.15
CA THR B 235 24.69 10.18 -43.17
C THR B 235 24.61 8.84 -42.40
N SER B 236 25.53 7.95 -42.72
CA SER B 236 25.77 6.75 -41.92
C SER B 236 25.87 7.05 -40.44
N ASP B 237 26.74 7.99 -40.11
CA ASP B 237 26.89 8.53 -38.76
C ASP B 237 25.54 8.90 -38.11
N GLU B 238 24.81 9.78 -38.78
CA GLU B 238 23.50 10.21 -38.26
C GLU B 238 22.54 9.01 -38.12
N ALA B 239 22.56 8.09 -39.08
CA ALA B 239 21.57 7.00 -39.04
C ALA B 239 21.80 6.07 -37.88
N LYS B 240 23.05 5.67 -37.69
CA LYS B 240 23.40 4.77 -36.60
C LYS B 240 23.12 5.41 -35.24
N ARG B 241 23.29 6.72 -35.14
CA ARG B 241 23.09 7.40 -33.88
C ARG B 241 21.59 7.55 -33.59
N MET B 242 20.75 7.53 -34.63
CA MET B 242 19.32 7.59 -34.38
C MET B 242 18.79 6.18 -34.16
N CYS B 243 19.32 5.24 -34.93
CA CYS B 243 18.92 3.86 -34.80
C CYS B 243 19.32 3.34 -33.42
N GLY B 244 20.48 3.76 -32.93
CA GLY B 244 20.97 3.34 -31.64
C GLY B 244 19.92 3.70 -30.60
N LEU B 245 19.41 4.92 -30.71
CA LEU B 245 18.42 5.45 -29.77
C LEU B 245 17.06 4.75 -29.83
N LEU B 246 16.66 4.34 -31.03
CA LEU B 246 15.35 3.72 -31.20
C LEU B 246 15.30 2.36 -30.55
N LEU B 247 16.49 1.79 -30.33
CA LEU B 247 16.63 0.57 -29.56
C LEU B 247 16.80 0.89 -28.07
N VAL B 248 17.75 1.75 -27.75
CA VAL B 248 18.03 2.01 -26.36
C VAL B 248 16.85 2.76 -25.75
N GLY B 249 16.21 3.62 -26.53
CA GLY B 249 15.14 4.46 -26.00
C GLY B 249 13.91 3.70 -25.51
N GLY B 250 13.61 2.56 -26.10
CA GLY B 250 12.46 1.79 -25.66
C GLY B 250 12.78 0.52 -24.89
N LEU B 251 13.94 0.48 -24.24
CA LEU B 251 14.31 -0.68 -23.43
C LEU B 251 14.11 -0.41 -21.94
N ASP B 252 15.09 0.21 -21.29
CA ASP B 252 14.98 0.49 -19.85
C ASP B 252 13.69 1.17 -19.42
N THR B 253 13.30 2.23 -20.12
CA THR B 253 12.00 2.88 -19.89
C THR B 253 10.89 1.84 -19.79
N VAL B 254 10.76 1.03 -20.83
CA VAL B 254 9.67 0.04 -20.89
C VAL B 254 9.86 -1.07 -19.86
N VAL B 255 11.07 -1.64 -19.82
CA VAL B 255 11.38 -2.70 -18.86
C VAL B 255 11.02 -2.25 -17.46
N ASN B 256 11.47 -1.04 -17.08
CA ASN B 256 11.21 -0.54 -15.75
C ASN B 256 9.77 -0.10 -15.48
N PHE B 257 9.14 0.57 -16.43
CA PHE B 257 7.78 0.95 -16.21
C PHE B 257 6.86 -0.27 -16.04
N LEU B 258 7.08 -1.33 -16.82
CA LEU B 258 6.26 -2.52 -16.69
C LEU B 258 6.48 -3.08 -15.31
N SER B 259 7.71 -2.97 -14.82
CA SER B 259 8.05 -3.52 -13.52
C SER B 259 7.28 -2.80 -12.42
N PHE B 260 7.26 -1.47 -12.46
CA PHE B 260 6.46 -0.68 -11.51
C PHE B 260 4.97 -1.00 -11.55
N SER B 261 4.45 -1.20 -12.75
CA SER B 261 3.04 -1.48 -12.91
C SER B 261 2.67 -2.83 -12.32
N MET B 262 3.45 -3.84 -12.68
CA MET B 262 3.23 -5.18 -12.17
C MET B 262 3.50 -5.26 -10.67
N GLU B 263 4.51 -4.56 -10.17
CA GLU B 263 4.68 -4.45 -8.73
C GLU B 263 3.40 -3.95 -8.06
N PHE B 264 2.83 -2.87 -8.59
CA PHE B 264 1.63 -2.28 -8.00
C PHE B 264 0.46 -3.25 -8.08
N LEU B 265 0.29 -3.87 -9.24
CA LEU B 265 -0.82 -4.78 -9.45
C LEU B 265 -0.73 -6.01 -8.53
N ALA B 266 0.49 -6.48 -8.28
CA ALA B 266 0.72 -7.65 -7.42
C ALA B 266 0.38 -7.38 -5.98
N LYS B 267 0.42 -6.10 -5.62
CA LYS B 267 0.07 -5.64 -4.27
C LYS B 267 -1.38 -5.16 -4.14
N SER B 268 -2.18 -5.25 -5.19
CA SER B 268 -3.49 -4.59 -5.15
C SER B 268 -4.57 -5.40 -5.86
N PRO B 269 -5.03 -6.48 -5.21
CA PRO B 269 -5.99 -7.40 -5.82
C PRO B 269 -7.23 -6.67 -6.38
N GLU B 270 -7.69 -5.60 -5.72
CA GLU B 270 -8.89 -4.91 -6.17
C GLU B 270 -8.70 -4.27 -7.55
N HIS B 271 -7.54 -3.64 -7.75
CA HIS B 271 -7.18 -3.12 -9.06
C HIS B 271 -7.01 -4.21 -10.12
N ARG B 272 -6.51 -5.38 -9.74
CA ARG B 272 -6.49 -6.50 -10.68
C ARG B 272 -7.91 -6.87 -11.09
N GLN B 273 -8.76 -6.96 -10.08
CA GLN B 273 -10.15 -7.32 -10.24
C GLN B 273 -10.84 -6.44 -11.25
N GLU B 274 -10.72 -5.13 -11.04
CA GLU B 274 -11.34 -4.14 -11.92
C GLU B 274 -10.96 -4.39 -13.37
N LEU B 275 -9.68 -4.62 -13.64
CA LEU B 275 -9.21 -4.81 -15.02
C LEU B 275 -9.65 -6.18 -15.56
N ILE B 276 -9.76 -7.15 -14.67
CA ILE B 276 -10.27 -8.48 -15.01
C ILE B 276 -11.76 -8.42 -15.39
N GLU B 277 -12.58 -7.77 -14.57
CA GLU B 277 -14.00 -7.64 -14.89
C GLU B 277 -14.26 -6.64 -16.02
N ARG B 278 -13.54 -5.52 -16.01
CA ARG B 278 -13.71 -4.45 -16.99
C ARG B 278 -12.50 -4.32 -17.90
N PRO B 279 -12.32 -5.29 -18.82
CA PRO B 279 -11.08 -5.33 -19.59
C PRO B 279 -11.00 -4.13 -20.51
N GLU B 280 -12.14 -3.49 -20.75
CA GLU B 280 -12.18 -2.31 -21.59
C GLU B 280 -11.57 -1.11 -20.86
N ARG B 281 -11.38 -1.24 -19.55
CA ARG B 281 -10.77 -0.15 -18.79
C ARG B 281 -9.24 -0.09 -18.89
N ILE B 282 -8.62 -1.11 -19.48
CA ILE B 282 -7.17 -1.21 -19.48
C ILE B 282 -6.46 0.00 -20.13
N PRO B 283 -6.96 0.49 -21.29
CA PRO B 283 -6.27 1.66 -21.87
C PRO B 283 -6.17 2.81 -20.86
N ALA B 284 -7.30 3.23 -20.29
CA ALA B 284 -7.36 4.30 -19.31
C ALA B 284 -6.55 4.00 -18.04
N ALA B 285 -6.59 2.74 -17.61
CA ALA B 285 -5.80 2.29 -16.49
C ALA B 285 -4.32 2.49 -16.78
N SER B 286 -3.96 2.17 -18.01
CA SER B 286 -2.56 2.20 -18.37
C SER B 286 -2.09 3.66 -18.38
N GLU B 287 -3.01 4.57 -18.74
CA GLU B 287 -2.70 5.99 -18.69
C GLU B 287 -2.50 6.44 -17.23
N GLU B 288 -3.32 5.91 -16.32
CA GLU B 288 -3.22 6.29 -14.91
C GLU B 288 -1.98 5.66 -14.25
N LEU B 289 -1.55 4.51 -14.74
CA LEU B 289 -0.31 3.96 -14.20
C LEU B 289 0.89 4.78 -14.70
N LEU B 290 0.82 5.27 -15.93
CA LEU B 290 1.89 6.12 -16.48
C LEU B 290 2.08 7.39 -15.64
N ARG B 291 0.99 7.93 -15.10
CA ARG B 291 1.08 9.08 -14.21
C ARG B 291 1.68 8.66 -12.85
N ARG B 292 1.05 7.67 -12.19
CA ARG B 292 1.49 7.26 -10.86
C ARG B 292 2.91 6.72 -10.87
N PHE B 293 3.27 5.92 -11.87
CA PHE B 293 4.59 5.29 -11.83
C PHE B 293 5.56 5.86 -12.89
N SER B 294 5.41 7.15 -13.17
CA SER B 294 6.38 7.89 -13.98
C SER B 294 7.80 7.75 -13.48
N LEU B 295 8.75 7.74 -14.42
CA LEU B 295 10.11 7.29 -14.12
C LEU B 295 11.26 8.02 -14.82
N VAL B 296 10.99 8.90 -15.78
CA VAL B 296 12.09 9.66 -16.39
C VAL B 296 12.37 10.98 -15.64
N ALA B 297 13.65 11.30 -15.45
CA ALA B 297 14.06 12.62 -15.01
C ALA B 297 15.22 13.17 -15.83
N ASP B 298 14.98 13.96 -16.86
CA ASP B 298 16.14 14.64 -17.41
C ASP B 298 15.93 16.13 -17.40
N GLY B 299 16.87 16.85 -17.95
CA GLY B 299 16.81 18.30 -17.85
C GLY B 299 17.36 19.01 -19.07
N ARG B 300 17.87 20.22 -18.82
CA ARG B 300 18.27 21.12 -19.86
C ARG B 300 19.35 22.02 -19.29
N ILE B 301 19.93 22.83 -20.17
CA ILE B 301 21.00 23.70 -19.81
C ILE B 301 20.61 25.09 -20.24
N LEU B 302 20.96 26.07 -19.43
CA LEU B 302 20.65 27.46 -19.69
C LEU B 302 21.51 28.03 -20.82
N THR B 303 20.86 28.62 -21.84
CA THR B 303 21.59 29.22 -22.96
C THR B 303 22.12 30.60 -22.66
N SER B 304 21.55 31.23 -21.64
CA SER B 304 21.97 32.54 -21.19
C SER B 304 21.55 32.73 -19.74
N ASP B 305 21.97 33.86 -19.16
CA ASP B 305 21.50 34.26 -17.83
C ASP B 305 20.01 34.55 -17.94
N TYR B 306 19.21 34.06 -16.99
CA TYR B 306 17.77 34.14 -17.16
C TYR B 306 16.99 34.11 -15.85
N GLU B 307 16.16 35.13 -15.68
CA GLU B 307 15.27 35.20 -14.54
C GLU B 307 14.02 34.37 -14.79
N PHE B 308 13.85 33.34 -13.96
CA PHE B 308 12.78 32.38 -14.10
C PHE B 308 12.09 32.28 -12.75
N HIS B 309 10.85 32.75 -12.68
CA HIS B 309 10.08 32.80 -11.43
C HIS B 309 10.89 33.39 -10.28
N GLY B 310 11.48 34.55 -10.52
CA GLY B 310 12.28 35.22 -9.51
C GLY B 310 13.61 34.58 -9.13
N VAL B 311 14.03 33.54 -9.84
CA VAL B 311 15.31 32.92 -9.53
C VAL B 311 16.32 33.23 -10.62
N GLN B 312 17.50 33.67 -10.21
CA GLN B 312 18.57 34.00 -11.13
C GLN B 312 19.26 32.73 -11.59
N LEU B 313 19.12 32.41 -12.86
CA LEU B 313 19.86 31.31 -13.47
C LEU B 313 21.01 31.87 -14.31
N LYS B 314 22.07 31.09 -14.43
CA LYS B 314 23.26 31.57 -15.09
C LYS B 314 23.58 30.68 -16.29
N LYS B 315 24.06 31.30 -17.37
CA LYS B 315 24.40 30.60 -18.61
C LYS B 315 25.22 29.36 -18.33
N GLY B 316 24.77 28.23 -18.85
CA GLY B 316 25.44 26.97 -18.58
C GLY B 316 25.00 26.23 -17.33
N ASP B 317 24.15 26.85 -16.50
CA ASP B 317 23.58 26.11 -15.38
C ASP B 317 22.83 24.92 -15.95
N GLN B 318 22.87 23.80 -15.27
CA GLN B 318 22.00 22.71 -15.66
C GLN B 318 20.77 22.70 -14.77
N ILE B 319 19.62 22.43 -15.38
CA ILE B 319 18.36 22.40 -14.61
C ILE B 319 17.64 21.07 -14.82
N LEU B 320 17.42 20.36 -13.72
CA LEU B 320 16.72 19.10 -13.77
C LEU B 320 15.25 19.40 -13.83
N LEU B 321 14.59 18.87 -14.84
CA LEU B 321 13.16 19.11 -15.04
C LEU B 321 12.46 17.78 -15.05
N PRO B 322 12.22 17.19 -13.88
CA PRO B 322 11.80 15.78 -13.75
C PRO B 322 10.42 15.46 -14.33
N GLN B 323 10.41 14.68 -15.39
CA GLN B 323 9.15 14.31 -16.04
C GLN B 323 8.20 13.63 -15.06
N MET B 324 8.83 12.90 -14.12
CA MET B 324 8.17 12.15 -13.07
C MET B 324 7.32 13.02 -12.16
N LEU B 325 7.78 14.23 -11.89
CA LEU B 325 7.16 15.04 -10.83
C LEU B 325 5.82 15.68 -11.22
N SER B 326 5.61 15.93 -12.50
CA SER B 326 4.40 16.62 -12.96
C SER B 326 3.10 15.93 -12.51
N GLY B 327 3.02 14.62 -12.69
CA GLY B 327 1.80 13.89 -12.43
C GLY B 327 1.58 13.62 -10.95
N LEU B 328 2.65 13.67 -10.18
CA LEU B 328 2.63 13.56 -8.73
C LEU B 328 2.33 14.90 -8.04
N ASP B 329 2.46 16.00 -8.76
CA ASP B 329 2.14 17.31 -8.22
C ASP B 329 0.69 17.29 -7.73
N GLU B 330 0.52 17.57 -6.44
CA GLU B 330 -0.80 17.78 -5.84
C GLU B 330 -1.58 18.86 -6.60
N ARG B 331 -0.86 19.83 -7.15
CA ARG B 331 -1.49 20.94 -7.85
C ARG B 331 -2.09 20.53 -9.18
N GLU B 332 -1.72 19.35 -9.68
CA GLU B 332 -2.17 18.89 -10.97
C GLU B 332 -3.18 17.75 -10.91
N ASN B 333 -3.04 16.89 -9.91
CA ASN B 333 -3.94 15.76 -9.68
C ASN B 333 -4.23 15.68 -8.18
N ALA B 334 -5.50 15.63 -7.80
CA ALA B 334 -5.84 15.41 -6.40
C ALA B 334 -5.44 13.99 -5.95
N ALA B 335 -5.03 13.85 -4.68
CA ALA B 335 -4.59 12.58 -4.10
C ALA B 335 -3.60 11.83 -5.02
N PRO B 336 -2.47 12.48 -5.34
CA PRO B 336 -1.59 11.99 -6.41
C PRO B 336 -1.01 10.58 -6.22
N MET B 337 -0.81 10.12 -4.99
CA MET B 337 -0.29 8.75 -4.80
C MET B 337 -1.39 7.71 -4.97
N HIS B 338 -2.64 8.14 -4.96
CA HIS B 338 -3.75 7.21 -5.10
C HIS B 338 -3.88 6.85 -6.56
N VAL B 339 -4.00 5.56 -6.85
CA VAL B 339 -4.25 5.10 -8.22
C VAL B 339 -5.74 4.87 -8.38
N ASP B 340 -6.34 5.66 -9.27
CA ASP B 340 -7.75 5.57 -9.59
C ASP B 340 -7.93 5.41 -11.11
N PHE B 341 -8.14 4.17 -11.53
CA PHE B 341 -8.35 3.86 -12.94
C PHE B 341 -9.46 4.69 -13.58
N SER B 342 -10.42 5.15 -12.78
CA SER B 342 -11.46 6.04 -13.28
C SER B 342 -11.15 7.52 -13.12
N ARG B 343 -9.95 7.85 -12.67
CA ARG B 343 -9.59 9.25 -12.49
C ARG B 343 -9.87 10.06 -13.75
N GLN B 344 -10.49 11.22 -13.58
CA GLN B 344 -10.82 12.09 -14.69
C GLN B 344 -9.75 13.15 -14.79
N CYS B 345 -9.53 13.66 -15.99
CA CYS B 345 -8.46 14.62 -16.22
C CYS B 345 -7.11 14.09 -15.71
N VAL B 346 -6.63 13.01 -16.29
CA VAL B 346 -5.31 12.55 -15.91
C VAL B 346 -4.29 13.53 -16.52
N SER B 347 -3.33 13.93 -15.70
CA SER B 347 -2.39 14.96 -16.06
C SER B 347 -0.99 14.52 -15.72
N HIS B 348 -0.12 14.44 -16.72
CA HIS B 348 1.24 13.97 -16.51
C HIS B 348 2.11 14.41 -17.67
N THR B 349 3.41 14.23 -17.51
CA THR B 349 4.39 14.50 -18.56
C THR B 349 5.34 13.31 -18.55
N THR B 350 4.78 12.11 -18.47
CA THR B 350 5.54 10.91 -18.31
C THR B 350 6.33 10.60 -19.57
N PHE B 351 5.78 10.90 -20.74
CA PHE B 351 6.56 10.83 -21.98
C PHE B 351 7.33 12.14 -22.28
N GLY B 352 7.42 13.02 -21.29
CA GLY B 352 8.03 14.33 -21.51
C GLY B 352 7.04 15.33 -22.08
N HIS B 353 7.55 16.44 -22.63
CA HIS B 353 6.73 17.61 -23.00
C HIS B 353 7.54 18.57 -23.88
N GLY B 354 6.88 19.17 -24.88
CA GLY B 354 7.56 20.00 -25.87
C GLY B 354 7.89 19.18 -27.11
N SER B 355 8.79 19.69 -27.96
CA SER B 355 9.18 19.00 -29.20
C SER B 355 9.85 17.63 -29.00
N HIS B 356 10.49 17.42 -27.86
CA HIS B 356 11.18 16.17 -27.58
C HIS B 356 10.26 15.10 -26.97
N LEU B 357 8.96 15.39 -26.83
CA LEU B 357 8.05 14.41 -26.22
C LEU B 357 8.24 13.09 -26.92
N CYS B 358 8.37 12.03 -26.13
CA CYS B 358 8.69 10.67 -26.57
C CYS B 358 8.19 10.24 -27.94
N LEU B 359 9.16 9.94 -28.79
CA LEU B 359 8.92 9.39 -30.12
C LEU B 359 8.30 8.01 -30.04
N GLY B 360 8.68 7.22 -29.03
CA GLY B 360 8.11 5.88 -28.87
C GLY B 360 6.77 5.86 -28.10
N GLN B 361 6.10 7.00 -27.98
CA GLN B 361 4.94 7.10 -27.09
C GLN B 361 3.80 6.15 -27.49
N HIS B 362 3.61 5.95 -28.80
CA HIS B 362 2.54 5.08 -29.24
C HIS B 362 2.91 3.61 -29.05
N LEU B 363 4.15 3.28 -29.41
CA LEU B 363 4.63 1.93 -29.21
C LEU B 363 4.51 1.52 -27.73
N ALA B 364 4.91 2.45 -26.86
CA ALA B 364 4.96 2.26 -25.42
C ALA B 364 3.59 1.97 -24.87
N ARG B 365 2.60 2.78 -25.25
CA ARG B 365 1.23 2.57 -24.80
C ARG B 365 0.72 1.20 -25.25
N ARG B 366 1.04 0.84 -26.49
CA ARG B 366 0.60 -0.44 -27.01
C ARG B 366 1.28 -1.56 -26.22
N GLU B 367 2.60 -1.52 -26.07
CA GLU B 367 3.30 -2.52 -25.28
C GLU B 367 2.68 -2.65 -23.88
N ILE B 368 2.35 -1.53 -23.27
CA ILE B 368 1.77 -1.55 -21.94
C ILE B 368 0.38 -2.18 -21.93
N ILE B 369 -0.45 -1.75 -22.87
CA ILE B 369 -1.82 -2.24 -22.95
C ILE B 369 -1.90 -3.72 -23.33
N VAL B 370 -0.93 -4.19 -24.12
CA VAL B 370 -0.91 -5.59 -24.51
C VAL B 370 -0.44 -6.45 -23.35
N THR B 371 0.54 -5.95 -22.62
CA THR B 371 1.09 -6.66 -21.48
C THR B 371 0.02 -6.87 -20.43
N LEU B 372 -0.66 -5.77 -20.09
CA LEU B 372 -1.73 -5.79 -19.12
C LEU B 372 -2.79 -6.80 -19.55
N LYS B 373 -3.31 -6.62 -20.76
CA LYS B 373 -4.36 -7.50 -21.25
C LYS B 373 -3.92 -8.95 -21.24
N GLU B 374 -2.81 -9.25 -21.90
CA GLU B 374 -2.42 -10.64 -22.07
C GLU B 374 -1.97 -11.34 -20.78
N TRP B 375 -1.40 -10.60 -19.85
CA TRP B 375 -1.00 -11.16 -18.57
C TRP B 375 -2.22 -11.53 -17.73
N LEU B 376 -3.10 -10.55 -17.51
CA LEU B 376 -4.25 -10.75 -16.61
C LEU B 376 -5.22 -11.76 -17.17
N THR B 377 -5.17 -11.98 -18.47
CA THR B 377 -6.04 -12.95 -19.10
C THR B 377 -5.69 -14.37 -18.67
N ARG B 378 -4.40 -14.61 -18.49
CA ARG B 378 -3.88 -15.94 -18.22
C ARG B 378 -3.44 -16.12 -16.77
N ILE B 379 -3.01 -15.03 -16.14
CA ILE B 379 -2.51 -15.09 -14.76
C ILE B 379 -3.13 -13.95 -14.00
N PRO B 380 -4.41 -14.10 -13.61
CA PRO B 380 -5.16 -13.05 -12.92
C PRO B 380 -4.77 -12.88 -11.47
N ASP B 381 -4.29 -13.95 -10.86
CA ASP B 381 -3.96 -13.90 -9.46
C ASP B 381 -2.48 -14.16 -9.26
N PHE B 382 -1.75 -13.11 -8.90
CA PHE B 382 -0.34 -13.25 -8.59
C PHE B 382 -0.02 -12.33 -7.44
N SER B 383 1.07 -12.60 -6.74
CA SER B 383 1.51 -11.70 -5.69
C SER B 383 3.03 -11.63 -5.67
N ILE B 384 3.56 -10.73 -4.84
CA ILE B 384 4.99 -10.70 -4.61
C ILE B 384 5.45 -11.95 -3.83
N ALA B 385 6.56 -12.53 -4.28
CA ALA B 385 7.09 -13.74 -3.65
C ALA B 385 7.26 -13.53 -2.18
N PRO B 386 6.86 -14.55 -1.38
CA PRO B 386 6.98 -14.46 0.08
C PRO B 386 8.34 -13.94 0.54
N GLY B 387 8.32 -12.99 1.47
CA GLY B 387 9.54 -12.42 1.99
C GLY B 387 9.96 -11.25 1.14
N ALA B 388 10.53 -11.56 -0.03
CA ALA B 388 11.03 -10.63 -1.07
C ALA B 388 11.08 -9.15 -0.69
N GLN B 389 12.29 -8.62 -0.60
CA GLN B 389 12.47 -7.17 -0.44
C GLN B 389 12.58 -6.53 -1.83
N ILE B 390 11.51 -5.89 -2.30
CA ILE B 390 11.60 -5.19 -3.58
C ILE B 390 12.35 -3.87 -3.46
N GLN B 391 13.48 -3.77 -4.14
CA GLN B 391 14.25 -2.51 -4.15
C GLN B 391 14.10 -1.76 -5.47
N HIS B 392 13.82 -0.46 -5.36
CA HIS B 392 13.89 0.46 -6.48
C HIS B 392 15.28 1.09 -6.67
N LYS B 393 15.55 1.60 -7.87
CA LYS B 393 16.75 2.41 -8.05
C LYS B 393 16.39 3.73 -8.70
N SER B 394 17.18 4.76 -8.41
CA SER B 394 16.87 6.12 -8.85
C SER B 394 17.89 6.62 -9.85
N GLY B 395 17.48 7.42 -10.82
CA GLY B 395 18.43 7.94 -11.78
C GLY B 395 17.74 8.73 -12.86
N ILE B 396 18.38 8.82 -14.01
CA ILE B 396 17.76 9.53 -15.13
C ILE B 396 16.52 8.72 -15.54
N VAL B 397 16.66 7.41 -15.50
CA VAL B 397 15.53 6.49 -15.66
C VAL B 397 15.48 5.65 -14.39
N SER B 398 14.37 5.69 -13.67
CA SER B 398 14.32 4.97 -12.38
C SER B 398 13.74 3.59 -12.58
N GLY B 399 14.06 2.66 -11.71
CA GLY B 399 13.52 1.33 -11.95
C GLY B 399 13.40 0.41 -10.77
N VAL B 400 13.05 -0.84 -11.11
CA VAL B 400 13.04 -1.93 -10.16
C VAL B 400 14.22 -2.89 -10.40
N GLN B 401 14.96 -3.26 -9.35
CA GLN B 401 16.05 -4.23 -9.46
C GLN B 401 15.58 -5.59 -9.98
N ALA B 402 14.43 -6.00 -9.47
CA ALA B 402 13.89 -7.34 -9.70
C ALA B 402 12.50 -7.46 -9.09
N LEU B 403 11.63 -8.18 -9.80
CA LEU B 403 10.25 -8.34 -9.37
C LEU B 403 9.92 -9.82 -9.33
N PRO B 404 10.25 -10.48 -8.22
CA PRO B 404 9.88 -11.87 -8.00
C PRO B 404 8.37 -11.99 -7.75
N LEU B 405 7.68 -12.78 -8.56
CA LEU B 405 6.23 -12.95 -8.44
C LEU B 405 5.91 -14.41 -8.20
N VAL B 406 4.80 -14.66 -7.50
CA VAL B 406 4.33 -16.02 -7.28
C VAL B 406 2.85 -16.11 -7.64
N TRP B 407 2.42 -17.31 -7.99
CA TRP B 407 1.01 -17.57 -8.18
C TRP B 407 0.73 -19.05 -8.18
N ASP B 408 -0.51 -19.40 -7.85
CA ASP B 408 -1.00 -20.77 -7.93
C ASP B 408 -1.26 -21.10 -9.41
N PRO B 409 -0.50 -22.03 -9.99
CA PRO B 409 -0.73 -22.32 -11.41
C PRO B 409 -2.17 -22.81 -11.67
N ALA B 410 -2.80 -23.41 -10.66
CA ALA B 410 -4.20 -23.84 -10.73
C ALA B 410 -5.18 -22.69 -10.97
N THR B 411 -4.78 -21.47 -10.62
CA THR B 411 -5.59 -20.28 -10.84
C THR B 411 -5.30 -19.61 -12.19
N THR B 412 -4.27 -20.07 -12.88
CA THR B 412 -4.03 -19.57 -14.22
C THR B 412 -5.03 -20.22 -15.17
N LYS B 413 -5.38 -19.54 -16.25
CA LYS B 413 -6.27 -20.14 -17.21
C LYS B 413 -5.78 -19.89 -18.64
N ALA B 414 -5.10 -20.89 -19.19
CA ALA B 414 -4.44 -20.82 -20.50
C ALA B 414 -5.35 -20.37 -21.64
N VAL B 415 -4.81 -19.53 -22.51
CA VAL B 415 -5.53 -19.12 -23.71
C VAL B 415 -4.55 -18.72 -24.82
N SER C 8 -5.11 -17.01 50.24
CA SER C 8 -3.91 -17.61 50.80
C SER C 8 -2.66 -16.93 50.29
N LYS C 9 -1.49 -17.44 50.66
CA LYS C 9 -0.25 -16.77 50.26
C LYS C 9 0.68 -17.66 49.44
N VAL C 10 1.32 -17.05 48.44
CA VAL C 10 2.22 -17.75 47.53
C VAL C 10 3.55 -17.02 47.50
N VAL C 11 4.66 -17.76 47.58
CA VAL C 11 5.97 -17.13 47.54
C VAL C 11 6.63 -17.36 46.17
N TYR C 12 7.08 -16.27 45.57
CA TYR C 12 7.72 -16.32 44.26
C TYR C 12 9.24 -16.04 44.31
N VAL C 13 10.04 -17.07 44.12
CA VAL C 13 11.49 -16.91 44.20
C VAL C 13 12.13 -16.74 42.81
N SER C 14 12.60 -15.54 42.52
CA SER C 14 13.27 -15.30 41.25
C SER C 14 14.59 -16.06 41.16
N HIS C 15 15.13 -16.14 39.95
CA HIS C 15 16.36 -16.87 39.68
C HIS C 15 17.51 -16.31 40.53
N ASP C 16 17.49 -15.01 40.75
CA ASP C 16 18.57 -14.37 41.46
C ASP C 16 18.39 -14.44 42.98
N GLY C 17 17.46 -15.28 43.42
CA GLY C 17 17.23 -15.49 44.84
C GLY C 17 16.24 -14.54 45.48
N THR C 18 15.98 -13.41 44.80
CA THR C 18 15.08 -12.39 45.34
C THR C 18 13.71 -12.99 45.56
N ARG C 19 13.05 -12.53 46.62
CA ARG C 19 11.93 -13.28 47.14
C ARG C 19 10.65 -12.42 47.26
N ARG C 20 9.58 -12.79 46.54
CA ARG C 20 8.32 -12.09 46.70
C ARG C 20 7.16 -12.98 47.17
N GLU C 21 6.57 -12.60 48.30
CA GLU C 21 5.38 -13.27 48.81
C GLU C 21 4.16 -12.46 48.43
N LEU C 22 3.17 -13.14 47.87
CA LEU C 22 1.93 -12.47 47.46
C LEU C 22 0.74 -13.13 48.10
N ASP C 23 -0.26 -12.31 48.43
CA ASP C 23 -1.55 -12.80 48.89
C ASP C 23 -2.43 -13.05 47.68
N VAL C 24 -2.82 -14.30 47.46
CA VAL C 24 -3.44 -14.72 46.20
C VAL C 24 -4.82 -15.28 46.48
N ALA C 25 -5.85 -14.68 45.88
CA ALA C 25 -7.21 -15.12 46.16
C ALA C 25 -7.44 -16.51 45.60
N CYS C 26 -8.31 -17.26 46.29
CA CYS C 26 -8.73 -18.58 45.89
C CYS C 26 -9.33 -18.50 44.50
N GLY C 27 -9.05 -19.50 43.67
CA GLY C 27 -9.56 -19.55 42.32
C GLY C 27 -8.64 -18.86 41.33
N VAL C 28 -7.63 -18.15 41.84
CA VAL C 28 -6.72 -17.45 40.94
C VAL C 28 -5.48 -18.28 40.60
N SER C 29 -5.06 -18.27 39.34
CA SER C 29 -3.90 -19.06 38.93
C SER C 29 -2.60 -18.38 39.37
N LEU C 30 -1.55 -19.16 39.58
CA LEU C 30 -0.28 -18.59 40.02
C LEU C 30 0.27 -17.64 38.94
N MET C 31 0.00 -17.97 37.68
CA MET C 31 0.31 -17.02 36.59
C MET C 31 -0.42 -15.68 36.80
N GLN C 32 -1.75 -15.71 36.90
CA GLN C 32 -2.55 -14.48 36.99
C GLN C 32 -2.06 -13.56 38.11
N ALA C 33 -1.76 -14.15 39.26
CA ALA C 33 -1.27 -13.40 40.40
C ALA C 33 0.11 -12.78 40.13
N ALA C 34 0.99 -13.52 39.47
CA ALA C 34 2.30 -13.00 39.12
C ALA C 34 2.18 -11.75 38.23
N VAL C 35 1.52 -11.91 37.09
CA VAL C 35 1.34 -10.82 36.14
C VAL C 35 0.67 -9.55 36.74
N SER C 36 -0.30 -9.76 37.64
CA SER C 36 -0.98 -8.65 38.32
C SER C 36 -0.12 -7.88 39.32
N ASN C 37 1.02 -8.44 39.72
CA ASN C 37 1.84 -7.82 40.76
C ASN C 37 3.32 -7.66 40.41
N GLY C 38 3.62 -7.38 39.15
CA GLY C 38 4.97 -7.02 38.77
C GLY C 38 6.01 -8.09 38.95
N ILE C 39 5.59 -9.35 38.90
CA ILE C 39 6.54 -10.45 38.83
C ILE C 39 6.85 -10.75 37.36
N TYR C 40 7.69 -9.89 36.78
CA TYR C 40 7.93 -9.89 35.33
C TYR C 40 8.59 -11.15 34.78
N ASP C 41 9.34 -11.87 35.62
CA ASP C 41 10.01 -13.07 35.16
C ASP C 41 8.99 -14.21 34.92
N ILE C 42 7.71 -13.90 35.14
CA ILE C 42 6.62 -14.73 34.65
C ILE C 42 5.91 -13.93 33.56
N VAL C 43 5.87 -14.43 32.34
CA VAL C 43 5.32 -13.60 31.27
C VAL C 43 3.84 -13.85 31.06
N GLY C 44 3.48 -15.11 30.87
CA GLY C 44 2.09 -15.50 30.70
C GLY C 44 1.49 -15.02 29.38
N ASP C 45 2.27 -15.21 28.32
CA ASP C 45 1.95 -14.76 26.98
C ASP C 45 0.55 -15.13 26.47
N CYS C 46 0.19 -16.40 26.53
CA CYS C 46 -1.07 -16.84 25.97
C CYS C 46 -2.26 -16.49 26.88
N GLY C 47 -1.96 -15.91 28.03
CA GLY C 47 -3.02 -15.57 28.97
C GLY C 47 -3.65 -16.76 29.70
N GLY C 48 -3.00 -17.91 29.72
CA GLY C 48 -3.41 -18.96 30.66
C GLY C 48 -4.10 -20.20 30.14
N SER C 49 -3.84 -20.59 28.90
CA SER C 49 -4.48 -21.80 28.39
C SER C 49 -3.51 -22.91 28.00
N ALA C 50 -2.33 -22.93 28.62
CA ALA C 50 -1.27 -23.88 28.26
C ALA C 50 -0.98 -23.82 26.77
N SER C 51 -0.73 -22.63 26.25
CA SER C 51 -0.49 -22.46 24.83
C SER C 51 0.81 -21.75 24.52
N CYS C 52 1.66 -21.52 25.52
CA CYS C 52 2.86 -20.73 25.25
C CYS C 52 4.15 -21.08 26.04
N ALA C 53 4.01 -21.63 27.23
CA ALA C 53 5.12 -22.05 28.11
C ALA C 53 5.92 -20.87 28.70
N THR C 54 5.38 -19.65 28.66
CA THR C 54 6.06 -18.48 29.24
C THR C 54 5.66 -18.15 30.70
N CYS C 55 5.04 -19.12 31.38
CA CYS C 55 4.69 -18.99 32.80
C CYS C 55 5.31 -20.14 33.59
N HIS C 56 6.41 -20.65 33.07
CA HIS C 56 7.15 -21.76 33.65
C HIS C 56 7.62 -21.48 35.08
N VAL C 57 7.41 -22.46 35.97
CA VAL C 57 7.92 -22.38 37.34
C VAL C 57 8.35 -23.76 37.84
N TYR C 58 9.21 -23.75 38.84
CA TYR C 58 9.53 -24.98 39.51
C TYR C 58 8.77 -25.02 40.80
N VAL C 59 7.91 -26.01 40.97
CA VAL C 59 7.17 -26.14 42.21
C VAL C 59 7.97 -26.93 43.23
N ASN C 60 8.26 -26.29 44.36
CA ASN C 60 8.95 -26.91 45.49
C ASN C 60 8.39 -28.29 45.86
N GLU C 61 9.28 -29.26 46.07
CA GLU C 61 8.91 -30.67 46.33
C GLU C 61 7.90 -30.87 47.47
N ALA C 62 7.88 -29.92 48.40
CA ALA C 62 6.96 -29.96 49.51
C ALA C 62 5.52 -29.70 49.07
N PHE C 63 5.31 -29.40 47.79
CA PHE C 63 3.95 -29.10 47.35
C PHE C 63 3.54 -29.83 46.09
N THR C 64 4.36 -30.78 45.66
CA THR C 64 4.08 -31.45 44.40
C THR C 64 3.08 -32.58 44.64
N ASP C 65 2.98 -33.04 45.88
CA ASP C 65 1.90 -33.97 46.23
C ASP C 65 0.57 -33.22 46.31
N LYS C 66 0.65 -31.93 46.64
CA LYS C 66 -0.53 -31.13 46.95
C LYS C 66 -1.16 -30.40 45.73
N VAL C 67 -0.43 -30.34 44.62
CA VAL C 67 -0.99 -29.74 43.41
C VAL C 67 -1.57 -30.79 42.48
N PRO C 68 -2.74 -30.53 41.90
CA PRO C 68 -3.24 -31.45 40.88
C PRO C 68 -2.21 -31.68 39.80
N ALA C 69 -2.01 -32.93 39.40
CA ALA C 69 -1.05 -33.22 38.35
C ALA C 69 -1.38 -32.44 37.09
N ALA C 70 -0.38 -32.24 36.24
CA ALA C 70 -0.57 -31.59 34.97
C ALA C 70 -1.38 -32.46 34.03
N ASN C 71 -2.20 -31.86 33.18
CA ASN C 71 -2.85 -32.64 32.14
C ASN C 71 -1.92 -32.74 30.95
N GLU C 72 -2.27 -33.63 30.03
CA GLU C 72 -1.46 -33.98 28.89
C GLU C 72 -1.20 -32.76 28.03
N ARG C 73 -2.10 -31.79 28.09
CA ARG C 73 -1.87 -30.55 27.38
C ARG C 73 -0.75 -29.73 28.00
N GLU C 74 -0.76 -29.59 29.32
CA GLU C 74 0.34 -28.92 30.00
C GLU C 74 1.66 -29.67 29.75
N ILE C 75 1.64 -30.99 29.90
CA ILE C 75 2.81 -31.81 29.58
C ILE C 75 3.38 -31.53 28.18
N GLY C 76 2.52 -31.50 27.17
CA GLY C 76 2.98 -31.23 25.81
C GLY C 76 3.68 -29.90 25.69
N MET C 77 3.09 -28.88 26.33
CA MET C 77 3.62 -27.51 26.26
C MET C 77 4.95 -27.40 27.01
N LEU C 78 5.06 -28.10 28.13
CA LEU C 78 6.28 -28.10 28.91
C LEU C 78 7.53 -28.55 28.13
N GLU C 79 7.36 -29.41 27.13
CA GLU C 79 8.49 -29.83 26.31
C GLU C 79 9.27 -28.64 25.70
N SER C 80 8.58 -27.55 25.44
CA SER C 80 9.24 -26.43 24.78
C SER C 80 9.52 -25.24 25.68
N VAL C 81 9.63 -25.49 26.99
CA VAL C 81 10.13 -24.46 27.90
C VAL C 81 11.55 -24.12 27.50
N THR C 82 11.92 -22.87 27.68
CA THR C 82 13.21 -22.38 27.24
C THR C 82 14.31 -22.57 28.29
N ALA C 83 13.93 -22.47 29.56
CA ALA C 83 14.82 -22.77 30.69
C ALA C 83 14.92 -24.28 30.92
N GLU C 84 15.81 -24.67 31.81
CA GLU C 84 15.95 -26.05 32.19
C GLU C 84 14.58 -26.68 32.54
N LEU C 85 14.21 -27.75 31.85
CA LEU C 85 13.03 -28.51 32.21
C LEU C 85 13.39 -29.52 33.32
N LYS C 86 12.67 -29.44 34.44
CA LYS C 86 12.93 -30.30 35.60
C LYS C 86 11.69 -31.12 35.96
N PRO C 87 11.82 -32.09 36.88
CA PRO C 87 10.64 -32.88 37.23
C PRO C 87 9.50 -32.09 37.89
N ASN C 88 9.84 -31.10 38.68
CA ASN C 88 8.85 -30.25 39.31
C ASN C 88 8.52 -29.03 38.49
N SER C 89 8.73 -29.07 37.18
CA SER C 89 8.39 -27.95 36.30
C SER C 89 6.88 -27.87 36.04
N ARG C 90 6.31 -26.68 36.15
CA ARG C 90 4.87 -26.53 35.92
C ARG C 90 4.58 -25.25 35.16
N LEU C 91 3.50 -25.26 34.39
CA LEU C 91 2.93 -24.03 33.90
C LEU C 91 2.07 -23.45 34.98
N CYS C 92 2.45 -22.30 35.52
CA CYS C 92 1.75 -21.79 36.67
C CYS C 92 0.36 -21.19 36.35
N CYS C 93 0.03 -21.13 35.06
CA CYS C 93 -1.33 -20.79 34.66
C CYS C 93 -2.23 -22.01 34.85
N GLN C 94 -1.61 -23.17 35.08
CA GLN C 94 -2.34 -24.41 35.36
C GLN C 94 -2.44 -24.68 36.85
N ILE C 95 -1.73 -23.91 37.65
CA ILE C 95 -1.87 -24.05 39.10
C ILE C 95 -2.99 -23.12 39.65
N ILE C 96 -4.15 -23.67 39.97
CA ILE C 96 -5.22 -22.82 40.49
C ILE C 96 -5.16 -22.80 42.02
N MET C 97 -5.13 -21.59 42.59
CA MET C 97 -4.84 -21.42 44.00
C MET C 97 -5.98 -21.90 44.90
N THR C 98 -5.65 -22.55 46.01
CA THR C 98 -6.61 -23.00 47.02
C THR C 98 -6.04 -22.84 48.43
N PRO C 99 -6.91 -22.74 49.45
CA PRO C 99 -6.42 -22.69 50.84
C PRO C 99 -5.44 -23.83 51.18
N GLU C 100 -5.65 -25.03 50.65
CA GLU C 100 -4.76 -26.14 50.97
C GLU C 100 -3.34 -25.91 50.44
N LEU C 101 -3.20 -25.03 49.46
CA LEU C 101 -1.91 -24.71 48.85
C LEU C 101 -1.24 -23.49 49.50
N ASP C 102 -1.77 -23.03 50.63
CA ASP C 102 -1.26 -21.83 51.31
C ASP C 102 0.24 -21.94 51.56
N GLY C 103 0.97 -20.85 51.34
CA GLY C 103 2.41 -20.86 51.51
C GLY C 103 3.18 -21.75 50.55
N ILE C 104 2.66 -21.93 49.34
CA ILE C 104 3.33 -22.73 48.32
C ILE C 104 4.56 -22.00 47.75
N VAL C 105 5.63 -22.77 47.48
CA VAL C 105 6.85 -22.18 46.96
C VAL C 105 7.08 -22.55 45.50
N VAL C 106 7.24 -21.52 44.68
CA VAL C 106 7.61 -21.74 43.30
C VAL C 106 8.87 -20.95 42.99
N ASP C 107 9.79 -21.62 42.29
CA ASP C 107 11.00 -20.96 41.82
C ASP C 107 10.83 -20.55 40.36
N VAL C 108 11.06 -19.27 40.09
CA VAL C 108 10.92 -18.76 38.73
C VAL C 108 12.26 -18.77 37.98
N PRO C 109 12.29 -19.45 36.81
CA PRO C 109 13.50 -19.67 36.01
C PRO C 109 14.07 -18.37 35.39
N ASP C 110 15.30 -18.45 34.87
CA ASP C 110 15.98 -17.24 34.41
C ASP C 110 15.44 -16.72 33.08
N ARG C 111 14.58 -17.52 32.43
CA ARG C 111 14.00 -17.11 31.15
C ARG C 111 12.68 -17.81 30.86
N GLN C 112 11.81 -17.14 30.12
CA GLN C 112 10.56 -17.74 29.63
C GLN C 112 10.55 -17.78 28.12
N TRP C 113 11.11 -16.72 27.53
CA TRP C 113 11.23 -16.62 26.09
C TRP C 113 12.49 -17.31 25.59
N SER D 8 -19.64 14.77 -28.03
CA SER D 8 -20.21 15.19 -29.30
C SER D 8 -19.53 14.50 -30.47
N LYS D 9 -19.86 14.92 -31.69
CA LYS D 9 -19.37 14.27 -32.90
C LYS D 9 -18.57 15.23 -33.82
N VAL D 10 -17.50 14.72 -34.44
CA VAL D 10 -16.59 15.51 -35.28
C VAL D 10 -16.38 14.93 -36.68
N VAL D 11 -16.33 15.81 -37.68
CA VAL D 11 -16.11 15.40 -39.07
C VAL D 11 -14.67 15.68 -39.55
N TYR D 12 -14.00 14.64 -40.09
CA TYR D 12 -12.64 14.78 -40.59
C TYR D 12 -12.56 14.64 -42.12
N VAL D 13 -12.32 15.76 -42.79
CA VAL D 13 -12.28 15.75 -44.25
C VAL D 13 -10.85 15.68 -44.73
N SER D 14 -10.46 14.50 -45.23
CA SER D 14 -9.13 14.29 -45.77
C SER D 14 -8.92 15.09 -47.05
N HIS D 15 -7.66 15.23 -47.46
CA HIS D 15 -7.32 16.00 -48.64
C HIS D 15 -7.98 15.48 -49.91
N ASP D 16 -8.11 14.17 -50.01
CA ASP D 16 -8.69 13.56 -51.20
C ASP D 16 -10.20 13.54 -51.10
N GLY D 17 -10.75 14.31 -50.17
CA GLY D 17 -12.19 14.39 -50.01
C GLY D 17 -12.78 13.41 -49.02
N THR D 18 -12.01 12.40 -48.62
CA THR D 18 -12.53 11.33 -47.76
C THR D 18 -13.11 11.83 -46.43
N ARG D 19 -14.17 11.16 -46.00
CA ARG D 19 -15.04 11.63 -44.94
C ARG D 19 -15.03 10.62 -43.82
N ARG D 20 -14.46 11.01 -42.68
CA ARG D 20 -14.53 10.19 -41.49
C ARG D 20 -15.17 10.99 -40.37
N GLU D 21 -16.23 10.44 -39.79
CA GLU D 21 -16.87 11.04 -38.64
C GLU D 21 -16.47 10.29 -37.37
N LEU D 22 -16.11 11.01 -36.32
CA LEU D 22 -15.76 10.36 -35.06
C LEU D 22 -16.62 10.88 -33.92
N ASP D 23 -16.97 9.98 -33.00
CA ASP D 23 -17.65 10.35 -31.77
C ASP D 23 -16.61 10.68 -30.72
N VAL D 24 -16.60 11.93 -30.28
CA VAL D 24 -15.49 12.49 -29.52
C VAL D 24 -15.94 13.05 -28.19
N ALA D 25 -15.38 12.54 -27.10
CA ALA D 25 -15.75 12.95 -25.75
C ALA D 25 -15.34 14.39 -25.43
N CYS D 26 -16.10 14.99 -24.52
CA CYS D 26 -15.82 16.32 -24.01
C CYS D 26 -14.47 16.41 -23.34
N GLY D 27 -13.76 17.51 -23.56
CA GLY D 27 -12.45 17.67 -22.95
C GLY D 27 -11.29 17.11 -23.76
N VAL D 28 -11.60 16.41 -24.85
CA VAL D 28 -10.62 15.81 -25.76
C VAL D 28 -10.24 16.70 -26.95
N SER D 29 -8.95 16.80 -27.26
CA SER D 29 -8.53 17.64 -28.39
C SER D 29 -8.80 16.89 -29.68
N LEU D 30 -9.04 17.63 -30.76
CA LEU D 30 -9.35 17.01 -32.04
C LEU D 30 -8.13 16.22 -32.54
N MET D 31 -6.94 16.66 -32.16
CA MET D 31 -5.72 15.87 -32.41
C MET D 31 -5.84 14.47 -31.80
N GLN D 32 -6.07 14.41 -30.50
CA GLN D 32 -6.14 13.14 -29.80
C GLN D 32 -7.17 12.18 -30.38
N ALA D 33 -8.35 12.67 -30.74
CA ALA D 33 -9.37 11.78 -31.31
C ALA D 33 -8.90 11.20 -32.66
N ALA D 34 -8.24 12.04 -33.47
CA ALA D 34 -7.70 11.58 -34.74
C ALA D 34 -6.69 10.46 -34.52
N VAL D 35 -5.67 10.74 -33.74
CA VAL D 35 -4.58 9.81 -33.47
C VAL D 35 -5.04 8.47 -32.89
N SER D 36 -6.00 8.54 -31.97
CA SER D 36 -6.57 7.37 -31.35
C SER D 36 -7.40 6.53 -32.32
N ASN D 37 -7.78 7.08 -33.47
CA ASN D 37 -8.67 6.34 -34.36
C ASN D 37 -8.21 6.23 -35.82
N GLY D 38 -6.92 6.08 -36.04
CA GLY D 38 -6.43 5.80 -37.39
C GLY D 38 -6.67 6.89 -38.42
N ILE D 39 -6.80 8.12 -37.95
CA ILE D 39 -6.82 9.29 -38.82
C ILE D 39 -5.37 9.73 -38.95
N TYR D 40 -4.65 8.99 -39.77
CA TYR D 40 -3.22 9.17 -39.86
C TYR D 40 -2.82 10.52 -40.42
N ASP D 41 -3.66 11.18 -41.24
CA ASP D 41 -3.23 12.45 -41.86
C ASP D 41 -3.13 13.59 -40.84
N ILE D 42 -3.43 13.27 -39.60
CA ILE D 42 -3.07 14.11 -38.48
C ILE D 42 -2.01 13.33 -37.68
N VAL D 43 -0.80 13.89 -37.53
CA VAL D 43 0.28 13.15 -36.87
C VAL D 43 0.34 13.41 -35.36
N GLY D 44 0.35 14.68 -34.98
CA GLY D 44 0.37 15.05 -33.56
C GLY D 44 1.70 14.72 -32.87
N ASP D 45 2.80 15.02 -33.58
CA ASP D 45 4.15 14.69 -33.14
C ASP D 45 4.51 15.09 -31.71
N CYS D 46 4.33 16.35 -31.35
CA CYS D 46 4.72 16.80 -30.01
C CYS D 46 3.72 16.38 -28.89
N GLY D 47 2.65 15.69 -29.25
CA GLY D 47 1.69 15.25 -28.25
C GLY D 47 0.80 16.33 -27.65
N GLY D 48 0.76 17.48 -28.30
CA GLY D 48 -0.29 18.45 -28.01
C GLY D 48 0.03 19.74 -27.28
N SER D 49 1.26 20.26 -27.36
CA SER D 49 1.51 21.53 -26.71
C SER D 49 1.90 22.66 -27.68
N ALA D 50 1.41 22.57 -28.91
CA ALA D 50 1.75 23.53 -29.95
C ALA D 50 3.25 23.64 -30.05
N SER D 51 3.88 22.50 -30.23
CA SER D 51 5.32 22.46 -30.29
C SER D 51 5.78 21.82 -31.60
N CYS D 52 4.87 21.56 -32.54
CA CYS D 52 5.28 20.85 -33.75
C CYS D 52 4.57 21.17 -35.08
N ALA D 53 3.30 21.58 -35.04
CA ALA D 53 2.53 21.95 -36.24
C ALA D 53 2.15 20.77 -37.17
N THR D 54 2.30 19.54 -36.67
CA THR D 54 1.95 18.33 -37.39
C THR D 54 0.54 17.83 -37.05
N CYS D 55 -0.27 18.71 -36.48
CA CYS D 55 -1.65 18.38 -36.22
C CYS D 55 -2.51 19.45 -36.86
N HIS D 56 -1.97 20.03 -37.92
CA HIS D 56 -2.61 21.08 -38.69
C HIS D 56 -3.93 20.64 -39.31
N VAL D 57 -4.94 21.50 -39.19
CA VAL D 57 -6.23 21.33 -39.86
C VAL D 57 -6.81 22.68 -40.26
N TYR D 58 -7.70 22.66 -41.24
CA TYR D 58 -8.44 23.86 -41.62
C TYR D 58 -9.85 23.76 -41.04
N VAL D 59 -10.21 24.72 -40.21
CA VAL D 59 -11.54 24.70 -39.60
C VAL D 59 -12.55 25.39 -40.51
N ASN D 60 -13.53 24.60 -40.96
CA ASN D 60 -14.64 25.07 -41.77
C ASN D 60 -15.26 26.37 -41.23
N GLU D 61 -15.42 27.37 -42.11
CA GLU D 61 -15.84 28.71 -41.70
C GLU D 61 -17.13 28.75 -40.87
N ALA D 62 -17.95 27.72 -41.02
CA ALA D 62 -19.20 27.63 -40.28
C ALA D 62 -19.02 27.36 -38.79
N PHE D 63 -17.78 27.19 -38.34
CA PHE D 63 -17.55 26.89 -36.92
C PHE D 63 -16.42 27.72 -36.33
N THR D 64 -15.94 28.73 -37.06
CA THR D 64 -14.75 29.47 -36.63
C THR D 64 -15.08 30.54 -35.58
N ASP D 65 -16.34 30.95 -35.51
CA ASP D 65 -16.80 31.79 -34.42
C ASP D 65 -16.95 30.98 -33.12
N LYS D 66 -17.18 29.68 -33.28
CA LYS D 66 -17.51 28.81 -32.14
C LYS D 66 -16.30 28.19 -31.44
N VAL D 67 -15.12 28.29 -32.05
CA VAL D 67 -13.88 27.81 -31.43
C VAL D 67 -13.11 28.97 -30.80
N PRO D 68 -12.52 28.77 -29.61
CA PRO D 68 -11.63 29.78 -29.02
C PRO D 68 -10.49 30.16 -29.95
N ALA D 69 -10.20 31.47 -30.05
CA ALA D 69 -9.11 31.94 -30.90
C ALA D 69 -7.79 31.31 -30.47
N ALA D 70 -6.82 31.27 -31.38
CA ALA D 70 -5.48 30.75 -31.09
C ALA D 70 -4.68 31.64 -30.15
N ASN D 71 -3.91 31.03 -29.26
CA ASN D 71 -3.00 31.76 -28.38
C ASN D 71 -1.67 32.04 -29.05
N GLU D 72 -0.82 32.86 -28.41
CA GLU D 72 0.42 33.30 -29.03
C GLU D 72 1.36 32.18 -29.43
N ARG D 73 1.37 31.09 -28.67
CA ARG D 73 2.21 29.95 -29.00
C ARG D 73 1.66 29.23 -30.22
N GLU D 74 0.33 29.05 -30.26
CA GLU D 74 -0.28 28.48 -31.45
C GLU D 74 -0.01 29.37 -32.68
N ILE D 75 -0.25 30.69 -32.57
CA ILE D 75 0.10 31.62 -33.68
C ILE D 75 1.53 31.42 -34.14
N GLY D 76 2.48 31.39 -33.21
CA GLY D 76 3.87 31.20 -33.58
C GLY D 76 4.18 29.90 -34.32
N MET D 77 3.59 28.81 -33.84
CA MET D 77 3.85 27.49 -34.38
C MET D 77 3.22 27.26 -35.76
N LEU D 78 2.02 27.80 -35.96
CA LEU D 78 1.34 27.76 -37.26
C LEU D 78 2.18 28.38 -38.37
N GLU D 79 3.06 29.30 -38.03
CA GLU D 79 3.94 29.92 -39.01
C GLU D 79 4.67 28.85 -39.82
N SER D 80 5.00 27.73 -39.19
CA SER D 80 5.81 26.72 -39.87
C SER D 80 5.06 25.47 -40.27
N VAL D 81 3.75 25.58 -40.45
CA VAL D 81 3.01 24.49 -41.08
C VAL D 81 3.58 24.28 -42.48
N THR D 82 3.58 23.02 -42.94
CA THR D 82 4.17 22.70 -44.24
C THR D 82 3.20 22.82 -45.41
N ALA D 83 1.93 22.51 -45.15
CA ALA D 83 0.90 22.75 -46.16
C ALA D 83 0.54 24.24 -46.15
N GLU D 84 -0.25 24.66 -47.14
CA GLU D 84 -0.73 26.04 -47.20
C GLU D 84 -1.30 26.52 -45.87
N LEU D 85 -0.77 27.65 -45.41
CA LEU D 85 -1.32 28.31 -44.25
C LEU D 85 -2.49 29.22 -44.65
N LYS D 86 -3.65 29.00 -44.06
CA LYS D 86 -4.85 29.76 -44.41
C LYS D 86 -5.39 30.50 -43.17
N PRO D 87 -6.33 31.44 -43.39
CA PRO D 87 -6.90 32.16 -42.24
C PRO D 87 -7.63 31.21 -41.28
N ASN D 88 -8.24 30.15 -41.80
CA ASN D 88 -8.85 29.13 -40.95
C ASN D 88 -7.88 27.97 -40.59
N SER D 89 -6.59 28.23 -40.64
CA SER D 89 -5.66 27.20 -40.20
C SER D 89 -5.62 27.18 -38.69
N ARG D 90 -5.67 25.98 -38.10
CA ARG D 90 -5.58 25.83 -36.66
C ARG D 90 -4.76 24.57 -36.33
N LEU D 91 -4.09 24.61 -35.20
CA LEU D 91 -3.55 23.40 -34.59
C LEU D 91 -4.66 22.67 -33.87
N CYS D 92 -5.03 21.49 -34.34
CA CYS D 92 -6.20 20.84 -33.78
C CYS D 92 -5.97 20.24 -32.38
N CYS D 93 -4.72 20.23 -31.92
CA CYS D 93 -4.45 19.83 -30.55
C CYS D 93 -4.84 20.95 -29.63
N GLN D 94 -5.10 22.13 -30.21
CA GLN D 94 -5.55 23.29 -29.45
C GLN D 94 -7.10 23.44 -29.49
N ILE D 95 -7.74 22.67 -30.34
CA ILE D 95 -9.20 22.63 -30.39
C ILE D 95 -9.71 21.59 -29.40
N ILE D 96 -10.22 22.06 -28.28
CA ILE D 96 -10.71 21.16 -27.25
C ILE D 96 -12.21 20.91 -27.42
N MET D 97 -12.61 19.65 -27.47
CA MET D 97 -13.97 19.32 -27.90
C MET D 97 -14.96 19.71 -26.80
N THR D 98 -16.09 20.29 -27.19
CA THR D 98 -17.16 20.61 -26.24
C THR D 98 -18.49 20.29 -26.94
N PRO D 99 -19.58 20.13 -26.17
CA PRO D 99 -20.89 19.87 -26.77
C PRO D 99 -21.29 20.87 -27.84
N GLU D 100 -20.98 22.15 -27.62
CA GLU D 100 -21.35 23.18 -28.57
C GLU D 100 -20.61 23.03 -29.90
N LEU D 101 -19.53 22.26 -29.92
CA LEU D 101 -18.76 22.07 -31.16
C LEU D 101 -19.25 20.86 -31.95
N ASP D 102 -20.39 20.31 -31.54
CA ASP D 102 -20.95 19.09 -32.13
C ASP D 102 -21.07 19.25 -33.65
N GLY D 103 -20.68 18.22 -34.38
CA GLY D 103 -20.69 18.27 -35.83
C GLY D 103 -19.73 19.28 -36.44
N ILE D 104 -18.64 19.59 -35.75
CA ILE D 104 -17.66 20.52 -36.32
C ILE D 104 -16.91 19.78 -37.43
N VAL D 105 -16.65 20.50 -38.51
CA VAL D 105 -15.98 19.92 -39.66
C VAL D 105 -14.59 20.50 -39.81
N VAL D 106 -13.58 19.64 -39.92
CA VAL D 106 -12.25 20.12 -40.19
C VAL D 106 -11.69 19.48 -41.44
N ASP D 107 -11.04 20.32 -42.24
CA ASP D 107 -10.39 19.83 -43.43
C ASP D 107 -8.91 19.53 -43.06
N VAL D 108 -8.48 18.29 -43.32
CA VAL D 108 -7.11 17.89 -43.04
C VAL D 108 -6.21 18.07 -44.29
N PRO D 109 -5.09 18.79 -44.15
CA PRO D 109 -4.19 19.06 -45.29
C PRO D 109 -3.52 17.77 -45.81
N ASP D 110 -2.88 17.81 -46.98
CA ASP D 110 -2.29 16.63 -47.59
C ASP D 110 -0.91 16.25 -47.01
N ARG D 111 -0.36 17.12 -46.16
CA ARG D 111 0.92 16.87 -45.51
C ARG D 111 0.98 17.55 -44.16
N GLN D 112 1.72 16.93 -43.24
CA GLN D 112 2.02 17.50 -41.94
C GLN D 112 3.51 17.69 -41.80
N TRP D 113 4.25 16.72 -42.34
CA TRP D 113 5.69 16.78 -42.39
C TRP D 113 6.13 17.52 -43.67
CHA HEM E . -4.80 -9.98 18.58
CHB HEM E . -8.87 -8.13 20.68
CHC HEM E . -6.48 -4.09 21.93
CHD HEM E . -2.63 -5.66 19.38
C1A HEM E . -6.07 -9.86 19.13
C2A HEM E . -7.05 -10.94 19.27
C3A HEM E . -8.14 -10.40 19.85
C4A HEM E . -7.93 -9.00 20.11
CMA HEM E . -9.44 -11.15 20.19
CAA HEM E . -6.87 -12.44 18.86
CBA HEM E . -7.28 -12.66 17.40
CGA HEM E . -7.34 -14.09 16.89
O1A HEM E . -7.10 -15.07 17.65
O2A HEM E . -7.67 -14.25 15.69
C1B HEM E . -8.62 -6.89 21.26
C2B HEM E . -9.49 -6.08 22.10
C3B HEM E . -8.82 -4.96 22.43
C4B HEM E . -7.48 -5.03 21.83
CMB HEM E . -10.93 -6.48 22.50
CAB HEM E . -9.22 -3.75 23.31
CBB HEM E . -10.18 -3.84 24.24
C1C HEM E . -5.21 -4.18 21.35
C2C HEM E . -4.15 -3.22 21.49
C3C HEM E . -3.09 -3.64 20.79
C4C HEM E . -3.46 -4.89 20.16
CMC HEM E . -4.19 -1.92 22.31
CAC HEM E . -1.75 -2.84 20.72
CBC HEM E . -0.73 -3.22 19.95
C1D HEM E . -2.84 -6.95 18.93
C2D HEM E . -1.86 -7.68 18.17
C3D HEM E . -2.53 -9.05 17.89
C4D HEM E . -3.83 -8.99 18.55
CMD HEM E . -0.47 -7.13 17.74
CAD HEM E . -1.92 -10.24 17.14
CBD HEM E . -1.84 -11.37 18.16
CGD HEM E . -1.35 -12.64 17.51
O1D HEM E . -0.39 -13.20 18.06
O2D HEM E . -1.90 -13.10 16.45
NA HEM E . -6.64 -8.70 19.64
NB HEM E . -7.42 -6.22 21.12
NC HEM E . -4.75 -5.22 20.53
ND HEM E . -3.95 -7.73 19.14
FE HEM E . -5.67 -7.03 20.19
CA CA F . 6.05 1.55 -1.50
O20 1N0 G . -12.82 -22.96 44.87
C15 1N0 G . -13.10 -22.12 45.72
C16 1N0 G . -12.16 -21.29 46.58
C17 1N0 G . -12.99 -20.46 47.42
C18 1N0 G . -14.40 -20.81 47.03
O19 1N0 G . -15.41 -20.33 47.51
N14 1N0 G . -14.32 -21.76 46.07
C13 1N0 G . -15.49 -22.35 45.44
C12 1N0 G . -15.81 -21.62 44.16
C11 1N0 G . -16.25 -22.63 43.06
C10 1N0 G . -15.02 -23.28 42.47
C9 1N0 G . -14.81 -22.77 41.04
C8 1N0 G . -13.62 -21.89 40.96
N4 1N0 G . -14.01 -20.56 40.47
C3 1N0 G . -13.92 -19.46 41.26
O7 1N0 G . -13.52 -19.43 42.41
C2 1N0 G . -14.44 -18.28 40.41
C5 1N0 G . -14.50 -20.37 39.22
O6 1N0 G . -14.65 -21.22 38.34
C1 1N0 G . -14.78 -18.88 39.11
CHA HEM H . 12.17 10.47 -25.75
CHB HEM H . 9.97 8.43 -21.98
CHC HEM H . 9.22 4.30 -24.43
CHD HEM H . 12.11 6.12 -27.94
C1A HEM H . 11.58 10.31 -24.52
C2A HEM H . 11.42 11.33 -23.50
C3A HEM H . 10.81 10.76 -22.46
C4A HEM H . 10.57 9.38 -22.77
CMA HEM H . 10.43 11.48 -21.14
CAA HEM H . 11.84 12.82 -23.65
CBA HEM H . 13.07 13.20 -22.83
CGA HEM H . 13.34 14.68 -23.05
O1A HEM H . 12.40 15.47 -23.33
O2A HEM H . 14.52 15.09 -22.91
C1B HEM H . 9.54 7.17 -22.34
C2B HEM H . 8.73 6.33 -21.48
C3B HEM H . 8.49 5.17 -22.08
C4B HEM H . 9.16 5.23 -23.40
CMB HEM H . 8.26 6.76 -20.09
CAB HEM H . 7.63 4.08 -21.38
CBB HEM H . 7.36 2.92 -21.95
C1C HEM H . 9.92 4.46 -25.62
C2C HEM H . 9.95 3.55 -26.74
C3C HEM H . 10.73 4.06 -27.70
C4C HEM H . 11.24 5.32 -27.24
CMC HEM H . 9.22 2.18 -26.89
CAC HEM H . 10.99 3.33 -29.03
CBC HEM H . 11.60 3.92 -30.06
C1D HEM H . 12.38 7.44 -27.73
C2D HEM H . 13.12 8.30 -28.61
C3D HEM H . 13.11 9.69 -27.94
C4D HEM H . 12.41 9.48 -26.68
CMD HEM H . 13.70 7.90 -29.99
CAD HEM H . 13.76 11.01 -28.39
CBD HEM H . 12.73 12.09 -28.69
CGD HEM H . 13.47 13.38 -29.00
O1D HEM H . 13.00 14.21 -29.82
O2D HEM H . 14.57 13.61 -28.43
NA HEM H . 11.06 9.14 -24.03
NB HEM H . 9.78 6.45 -23.50
NC HEM H . 10.73 5.54 -25.96
ND HEM H . 12.03 8.17 -26.60
FE HEM H . 10.78 7.51 -25.10
CA CA I . 34.18 1.30 -34.66
FE1 FES J . 0.59 -19.56 28.36
FE2 FES J . 0.74 -20.56 31.00
S1 FES J . 0.46 -18.54 30.28
S2 FES J . 1.00 -21.61 29.13
FE1 FES K . 2.23 19.21 -31.84
FE2 FES K . -0.47 20.18 -32.09
S1 FES K . 1.44 21.22 -32.24
S2 FES K . 0.31 18.13 -31.87
#